data_2LPF
# 
_entry.id   2LPF 
# 
_audit_conform.dict_name       mmcif_pdbx.dic 
_audit_conform.dict_version    5.392 
_audit_conform.dict_location   http://mmcif.pdb.org/dictionaries/ascii/mmcif_pdbx.dic 
# 
loop_
_database_2.database_id 
_database_2.database_code 
_database_2.pdbx_database_accession 
_database_2.pdbx_DOI 
PDB   2LPF         pdb_00002lpf 10.2210/pdb2lpf/pdb 
RCSB  RCSB102668   ?            ?                   
BMRB  18256        ?            10.13018/BMR18256   
WWPDB D_1000102668 ?            ?                   
# 
loop_
_pdbx_audit_revision_history.ordinal 
_pdbx_audit_revision_history.data_content_type 
_pdbx_audit_revision_history.major_revision 
_pdbx_audit_revision_history.minor_revision 
_pdbx_audit_revision_history.revision_date 
1 'Structure model' 1 0 2013-02-13 
2 'Structure model' 1 1 2013-09-11 
3 'Structure model' 1 2 2013-10-09 
4 'Structure model' 1 3 2023-06-14 
5 'Structure model' 1 4 2024-05-15 
# 
_pdbx_audit_revision_details.ordinal             1 
_pdbx_audit_revision_details.revision_ordinal    1 
_pdbx_audit_revision_details.data_content_type   'Structure model' 
_pdbx_audit_revision_details.provider            repository 
_pdbx_audit_revision_details.type                'Initial release' 
_pdbx_audit_revision_details.description         ? 
_pdbx_audit_revision_details.details             ? 
# 
loop_
_pdbx_audit_revision_group.ordinal 
_pdbx_audit_revision_group.revision_ordinal 
_pdbx_audit_revision_group.data_content_type 
_pdbx_audit_revision_group.group 
1 2 'Structure model' 'Database references' 
2 3 'Structure model' 'Database references' 
3 4 'Structure model' 'Data collection'     
4 4 'Structure model' 'Database references' 
5 4 'Structure model' Other                 
6 5 'Structure model' 'Data collection'     
7 5 'Structure model' 'Database references' 
# 
loop_
_pdbx_audit_revision_category.ordinal 
_pdbx_audit_revision_category.revision_ordinal 
_pdbx_audit_revision_category.data_content_type 
_pdbx_audit_revision_category.category 
1 4 'Structure model' database_2           
2 4 'Structure model' pdbx_database_status 
3 4 'Structure model' pdbx_nmr_software    
4 4 'Structure model' struct_ref_seq_dif   
5 5 'Structure model' chem_comp_atom       
6 5 'Structure model' chem_comp_bond       
7 5 'Structure model' database_2           
# 
loop_
_pdbx_audit_revision_item.ordinal 
_pdbx_audit_revision_item.revision_ordinal 
_pdbx_audit_revision_item.data_content_type 
_pdbx_audit_revision_item.item 
1 4 'Structure model' '_database_2.pdbx_DOI'                       
2 4 'Structure model' '_database_2.pdbx_database_accession'        
3 4 'Structure model' '_pdbx_database_status.status_code_nmr_data' 
4 4 'Structure model' '_pdbx_nmr_software.name'                    
5 4 'Structure model' '_struct_ref_seq_dif.details'                
6 5 'Structure model' '_database_2.pdbx_DOI'                       
# 
_pdbx_database_status.deposit_site                    BMRB 
_pdbx_database_status.entry_id                        2LPF 
_pdbx_database_status.process_site                    RCSB 
_pdbx_database_status.recvd_initial_deposition_date   2012-02-11 
_pdbx_database_status.SG_entry                        ? 
_pdbx_database_status.status_code                     REL 
_pdbx_database_status.status_code_mr                  REL 
_pdbx_database_status.status_code_sf                  ? 
_pdbx_database_status.status_code_cs                  REL 
_pdbx_database_status.methods_development_category    ? 
_pdbx_database_status.pdb_format_compatible           Y 
_pdbx_database_status.status_code_nmr_data            REL 
# 
loop_
_pdbx_database_related.content_type 
_pdbx_database_related.db_id 
_pdbx_database_related.db_name 
_pdbx_database_related.details 
unspecified 1N7L  PDB  'Solution NMR structure of AFA-PLN in detergent micelle' 
unspecified 2KB7  PDB  
'Hybrid solution and solid-state NMR structure of the T state of AFA-PLN monomer structure in lipid bilayer' 
unspecified 2KYV  PDB  'Hybrid solution and solid-state NMR structure of the T state of PLN pentamer structure in lipid bilayer' 
unspecified 18256 BMRB . 
# 
loop_
_audit_author.name 
_audit_author.pdbx_ordinal 
'De Simone, A.'   1 
'Montalvao, R.W.' 2 
'Gustavsson, M.'  3 
'Shi, L.'         4 
'Veglia, G.'      5 
'Vendruscolo, M.' 6 
# 
_citation.id                        primary 
_citation.title                     
'Structures of the Excited States of Phospholamban and Shifts in Their Populations upon Phosphorylation.' 
_citation.journal_abbrev            Biochemistry 
_citation.journal_volume            52 
_citation.page_first                6684 
_citation.page_last                 6694 
_citation.year                      2013 
_citation.journal_id_ASTM           BICHAW 
_citation.country                   US 
_citation.journal_id_ISSN           0006-2960 
_citation.journal_id_CSD            0033 
_citation.book_publisher            ? 
_citation.pdbx_database_id_PubMed   23968132 
_citation.pdbx_database_id_DOI      10.1021/bi400517b 
# 
loop_
_citation_author.citation_id 
_citation_author.name 
_citation_author.ordinal 
_citation_author.identifier_ORCID 
primary 'De Simone, A.'   1 ? 
primary 'Gustavsson, M.'  2 ? 
primary 'Montalvao, R.W.' 3 ? 
primary 'Shi, L.'         4 ? 
primary 'Veglia, G.'      5 ? 
primary 'Vendruscolo, M.' 6 ? 
# 
_entity.id                         1 
_entity.type                       polymer 
_entity.src_method                 man 
_entity.pdbx_description           'Cardiac phospholamban' 
_entity.formula_weight             6150.477 
_entity.pdbx_number_of_molecules   1 
_entity.pdbx_ec                    ? 
_entity.pdbx_mutation              'C36A, C41F, C46A' 
_entity.pdbx_fragment              ? 
_entity.details                    ? 
# 
_entity_name_com.entity_id   1 
_entity_name_com.name        PLB 
# 
_entity_poly.entity_id                      1 
_entity_poly.type                           'polypeptide(L)' 
_entity_poly.nstd_linkage                   no 
_entity_poly.nstd_monomer                   no 
_entity_poly.pdbx_seq_one_letter_code       AMEKVQYLTRSAIRRASTIEMPQQARQNLQNLFINFALILIFLLLIAIIVMLL 
_entity_poly.pdbx_seq_one_letter_code_can   AMEKVQYLTRSAIRRASTIEMPQQARQNLQNLFINFALILIFLLLIAIIVMLL 
_entity_poly.pdbx_strand_id                 A 
_entity_poly.pdbx_target_identifier         ? 
# 
loop_
_entity_poly_seq.entity_id 
_entity_poly_seq.num 
_entity_poly_seq.mon_id 
_entity_poly_seq.hetero 
1 1  ALA n 
1 2  MET n 
1 3  GLU n 
1 4  LYS n 
1 5  VAL n 
1 6  GLN n 
1 7  TYR n 
1 8  LEU n 
1 9  THR n 
1 10 ARG n 
1 11 SER n 
1 12 ALA n 
1 13 ILE n 
1 14 ARG n 
1 15 ARG n 
1 16 ALA n 
1 17 SER n 
1 18 THR n 
1 19 ILE n 
1 20 GLU n 
1 21 MET n 
1 22 PRO n 
1 23 GLN n 
1 24 GLN n 
1 25 ALA n 
1 26 ARG n 
1 27 GLN n 
1 28 ASN n 
1 29 LEU n 
1 30 GLN n 
1 31 ASN n 
1 32 LEU n 
1 33 PHE n 
1 34 ILE n 
1 35 ASN n 
1 36 PHE n 
1 37 ALA n 
1 38 LEU n 
1 39 ILE n 
1 40 LEU n 
1 41 ILE n 
1 42 PHE n 
1 43 LEU n 
1 44 LEU n 
1 45 LEU n 
1 46 ILE n 
1 47 ALA n 
1 48 ILE n 
1 49 ILE n 
1 50 VAL n 
1 51 MET n 
1 52 LEU n 
1 53 LEU n 
# 
_entity_src_gen.entity_id                          1 
_entity_src_gen.pdbx_src_id                        1 
_entity_src_gen.pdbx_alt_source_flag               sample 
_entity_src_gen.pdbx_seq_type                      ? 
_entity_src_gen.pdbx_beg_seq_num                   ? 
_entity_src_gen.pdbx_end_seq_num                   ? 
_entity_src_gen.gene_src_common_name               rabbit 
_entity_src_gen.gene_src_genus                     ? 
_entity_src_gen.pdbx_gene_src_gene                 PLN 
_entity_src_gen.gene_src_species                   ? 
_entity_src_gen.gene_src_strain                    ? 
_entity_src_gen.gene_src_tissue                    ? 
_entity_src_gen.gene_src_tissue_fraction           ? 
_entity_src_gen.gene_src_details                   ? 
_entity_src_gen.pdbx_gene_src_fragment             ? 
_entity_src_gen.pdbx_gene_src_scientific_name      'Oryctolagus cuniculus' 
_entity_src_gen.pdbx_gene_src_ncbi_taxonomy_id     9986 
_entity_src_gen.pdbx_gene_src_variant              ? 
_entity_src_gen.pdbx_gene_src_cell_line            ? 
_entity_src_gen.pdbx_gene_src_atcc                 ? 
_entity_src_gen.pdbx_gene_src_organ                ? 
_entity_src_gen.pdbx_gene_src_organelle            ? 
_entity_src_gen.pdbx_gene_src_cell                 ? 
_entity_src_gen.pdbx_gene_src_cellular_location    ? 
_entity_src_gen.host_org_common_name               ? 
_entity_src_gen.pdbx_host_org_scientific_name      'Escherichia coli' 
_entity_src_gen.pdbx_host_org_ncbi_taxonomy_id     562 
_entity_src_gen.host_org_genus                     ? 
_entity_src_gen.pdbx_host_org_gene                 ? 
_entity_src_gen.pdbx_host_org_organ                ? 
_entity_src_gen.host_org_species                   ? 
_entity_src_gen.pdbx_host_org_tissue               ? 
_entity_src_gen.pdbx_host_org_tissue_fraction      ? 
_entity_src_gen.pdbx_host_org_strain               ? 
_entity_src_gen.pdbx_host_org_variant              ? 
_entity_src_gen.pdbx_host_org_cell_line            ? 
_entity_src_gen.pdbx_host_org_atcc                 ? 
_entity_src_gen.pdbx_host_org_culture_collection   ? 
_entity_src_gen.pdbx_host_org_cell                 ? 
_entity_src_gen.pdbx_host_org_organelle            ? 
_entity_src_gen.pdbx_host_org_cellular_location    ? 
_entity_src_gen.pdbx_host_org_vector_type          ? 
_entity_src_gen.pdbx_host_org_vector               pMal 
_entity_src_gen.host_org_details                   ? 
_entity_src_gen.expression_system_id               ? 
_entity_src_gen.plasmid_name                       ? 
_entity_src_gen.plasmid_details                    ? 
_entity_src_gen.pdbx_description                   ? 
# 
loop_
_chem_comp.id 
_chem_comp.type 
_chem_comp.mon_nstd_flag 
_chem_comp.name 
_chem_comp.pdbx_synonyms 
_chem_comp.formula 
_chem_comp.formula_weight 
ALA 'L-peptide linking' y ALANINE         ? 'C3 H7 N O2'     89.093  
ARG 'L-peptide linking' y ARGININE        ? 'C6 H15 N4 O2 1' 175.209 
ASN 'L-peptide linking' y ASPARAGINE      ? 'C4 H8 N2 O3'    132.118 
CYS 'L-peptide linking' y CYSTEINE        ? 'C3 H7 N O2 S'   121.158 
GLN 'L-peptide linking' y GLUTAMINE       ? 'C5 H10 N2 O3'   146.144 
GLU 'L-peptide linking' y 'GLUTAMIC ACID' ? 'C5 H9 N O4'     147.129 
ILE 'L-peptide linking' y ISOLEUCINE      ? 'C6 H13 N O2'    131.173 
LEU 'L-peptide linking' y LEUCINE         ? 'C6 H13 N O2'    131.173 
LYS 'L-peptide linking' y LYSINE          ? 'C6 H15 N2 O2 1' 147.195 
MET 'L-peptide linking' y METHIONINE      ? 'C5 H11 N O2 S'  149.211 
PHE 'L-peptide linking' y PHENYLALANINE   ? 'C9 H11 N O2'    165.189 
PRO 'L-peptide linking' y PROLINE         ? 'C5 H9 N O2'     115.130 
SER 'L-peptide linking' y SERINE          ? 'C3 H7 N O3'     105.093 
THR 'L-peptide linking' y THREONINE       ? 'C4 H9 N O3'     119.119 
TYR 'L-peptide linking' y TYROSINE        ? 'C9 H11 N O3'    181.189 
VAL 'L-peptide linking' y VALINE          ? 'C5 H11 N O2'    117.146 
# 
loop_
_pdbx_poly_seq_scheme.asym_id 
_pdbx_poly_seq_scheme.entity_id 
_pdbx_poly_seq_scheme.seq_id 
_pdbx_poly_seq_scheme.mon_id 
_pdbx_poly_seq_scheme.ndb_seq_num 
_pdbx_poly_seq_scheme.pdb_seq_num 
_pdbx_poly_seq_scheme.auth_seq_num 
_pdbx_poly_seq_scheme.pdb_mon_id 
_pdbx_poly_seq_scheme.auth_mon_id 
_pdbx_poly_seq_scheme.pdb_strand_id 
_pdbx_poly_seq_scheme.pdb_ins_code 
_pdbx_poly_seq_scheme.hetero 
A 1 1  ALA 1  1  1  ALA ALA A . n 
A 1 2  MET 2  2  2  MET MET A . n 
A 1 3  GLU 3  3  3  GLU GLU A . n 
A 1 4  LYS 4  4  4  LYS LYS A . n 
A 1 5  VAL 5  5  5  VAL VAL A . n 
A 1 6  GLN 6  6  6  GLN GLN A . n 
A 1 7  TYR 7  7  7  TYR TYR A . n 
A 1 8  LEU 8  8  8  LEU LEU A . n 
A 1 9  THR 9  9  9  THR THR A . n 
A 1 10 ARG 10 10 10 ARG ARG A . n 
A 1 11 SER 11 11 11 SER SER A . n 
A 1 12 ALA 12 12 12 ALA ALA A . n 
A 1 13 ILE 13 13 13 ILE ILE A . n 
A 1 14 ARG 14 14 14 ARG ARG A . n 
A 1 15 ARG 15 15 15 ARG ARG A . n 
A 1 16 ALA 16 16 16 ALA ALA A . n 
A 1 17 SER 17 17 17 SER SER A . n 
A 1 18 THR 18 18 18 THR THR A . n 
A 1 19 ILE 19 19 19 ILE ILE A . n 
A 1 20 GLU 20 20 20 GLU GLU A . n 
A 1 21 MET 21 21 21 MET MET A . n 
A 1 22 PRO 22 22 22 PRO PRO A . n 
A 1 23 GLN 23 23 23 GLN GLN A . n 
A 1 24 GLN 24 24 24 GLN GLN A . n 
A 1 25 ALA 25 25 25 ALA ALA A . n 
A 1 26 ARG 26 26 26 ARG ARG A . n 
A 1 27 GLN 27 27 27 GLN GLN A . n 
A 1 28 ASN 28 28 28 ASN ASN A . n 
A 1 29 LEU 29 29 29 LEU LEU A . n 
A 1 30 GLN 30 30 30 GLN GLN A . n 
A 1 31 ASN 31 31 31 ASN ASN A . n 
A 1 32 LEU 32 32 32 LEU LEU A . n 
A 1 33 PHE 33 33 33 PHE PHE A . n 
A 1 34 ILE 34 34 34 ILE ILE A . n 
A 1 35 ASN 35 35 35 ASN ASN A . n 
A 1 36 PHE 36 36 36 PHE PHE A . n 
A 1 37 ALA 37 37 37 ALA ALA A . n 
A 1 38 LEU 38 38 38 LEU LEU A . n 
A 1 39 ILE 39 39 39 ILE ILE A . n 
A 1 40 LEU 40 40 40 LEU LEU A . n 
A 1 41 ILE 41 41 41 ILE ILE A . n 
A 1 42 PHE 42 42 42 PHE PHE A . n 
A 1 43 LEU 43 43 43 LEU LEU A . n 
A 1 44 LEU 44 44 44 LEU LEU A . n 
A 1 45 LEU 45 45 45 LEU LEU A . n 
A 1 46 ILE 46 46 46 ILE ILE A . n 
A 1 47 ALA 47 47 47 ALA ALA A . n 
A 1 48 ILE 48 48 48 ILE ILE A . n 
A 1 49 ILE 49 49 49 ILE ILE A . n 
A 1 50 VAL 50 50 50 VAL VAL A . n 
A 1 51 MET 51 51 51 MET MET A . n 
A 1 52 LEU 52 52 52 LEU LEU A . n 
A 1 53 LEU 53 53 53 LEU LEU A . n 
# 
_exptl.absorpt_coefficient_mu     ? 
_exptl.absorpt_correction_T_max   ? 
_exptl.absorpt_correction_T_min   ? 
_exptl.absorpt_correction_type    ? 
_exptl.absorpt_process_details    ? 
_exptl.crystals_number            ? 
_exptl.details                    ? 
_exptl.entry_id                   2LPF 
_exptl.method                     'SOLUTION NMR' 
_exptl.method_details             ? 
# 
_struct.entry_id                  2LPF 
_struct.title                     'R state structure of monomeric phospholamban (C36A, C41F, C46A)' 
_struct.pdbx_model_details        'median structure, model 1' 
_struct.pdbx_CASP_flag            N 
_struct.pdbx_model_type_details   ? 
# 
_struct_keywords.entry_id        2LPF 
_struct_keywords.pdbx_keywords   'MEMBRANE PROTEIN' 
_struct_keywords.text            'phospholamban, membrane protein, excited state, dilated cardiomyopathy' 
# 
_struct_asym.id                            A 
_struct_asym.pdbx_blank_PDB_chainid_flag   N 
_struct_asym.pdbx_modified                 N 
_struct_asym.entity_id                     1 
_struct_asym.details                       ? 
# 
_struct_ref.id                         1 
_struct_ref.db_name                    UNP 
_struct_ref.db_code                    PPLA_RABIT 
_struct_ref.pdbx_db_accession          P61015 
_struct_ref.entity_id                  1 
_struct_ref.pdbx_seq_one_letter_code   MEKVQYLTRSAIRRASTIEMPQQARQNLQNLFINFCLILICLLLICIIVMLL 
_struct_ref.pdbx_align_begin           1 
_struct_ref.pdbx_db_isoform            ? 
# 
_struct_ref_seq.align_id                      1 
_struct_ref_seq.ref_id                        1 
_struct_ref_seq.pdbx_PDB_id_code              2LPF 
_struct_ref_seq.pdbx_strand_id                A 
_struct_ref_seq.seq_align_beg                 2 
_struct_ref_seq.pdbx_seq_align_beg_ins_code   ? 
_struct_ref_seq.seq_align_end                 53 
_struct_ref_seq.pdbx_seq_align_end_ins_code   ? 
_struct_ref_seq.pdbx_db_accession             P61015 
_struct_ref_seq.db_align_beg                  1 
_struct_ref_seq.pdbx_db_align_beg_ins_code    ? 
_struct_ref_seq.db_align_end                  52 
_struct_ref_seq.pdbx_db_align_end_ins_code    ? 
_struct_ref_seq.pdbx_auth_seq_align_beg       2 
_struct_ref_seq.pdbx_auth_seq_align_end       53 
# 
loop_
_struct_ref_seq_dif.align_id 
_struct_ref_seq_dif.pdbx_pdb_id_code 
_struct_ref_seq_dif.mon_id 
_struct_ref_seq_dif.pdbx_pdb_strand_id 
_struct_ref_seq_dif.seq_num 
_struct_ref_seq_dif.pdbx_pdb_ins_code 
_struct_ref_seq_dif.pdbx_seq_db_name 
_struct_ref_seq_dif.pdbx_seq_db_accession_code 
_struct_ref_seq_dif.db_mon_id 
_struct_ref_seq_dif.pdbx_seq_db_seq_num 
_struct_ref_seq_dif.details 
_struct_ref_seq_dif.pdbx_auth_seq_num 
_struct_ref_seq_dif.pdbx_ordinal 
1 2LPF ALA A 1  ? UNP P61015 ?   ?  'expression tag'      1  1 
1 2LPF ALA A 37 ? UNP P61015 CYS 36 'engineered mutation' 37 2 
1 2LPF PHE A 42 ? UNP P61015 CYS 41 'engineered mutation' 42 3 
1 2LPF ALA A 47 ? UNP P61015 CYS 46 'engineered mutation' 47 4 
# 
_pdbx_struct_assembly.id                   1 
_pdbx_struct_assembly.details              author_defined_assembly 
_pdbx_struct_assembly.method_details       ? 
_pdbx_struct_assembly.oligomeric_details   monomeric 
_pdbx_struct_assembly.oligomeric_count     1 
# 
_pdbx_struct_assembly_gen.assembly_id       1 
_pdbx_struct_assembly_gen.oper_expression   1 
_pdbx_struct_assembly_gen.asym_id_list      A 
# 
_pdbx_struct_oper_list.id                   1 
_pdbx_struct_oper_list.type                 'identity operation' 
_pdbx_struct_oper_list.name                 1_555 
_pdbx_struct_oper_list.symmetry_operation   x,y,z 
_pdbx_struct_oper_list.matrix[1][1]         1.0000000000 
_pdbx_struct_oper_list.matrix[1][2]         0.0000000000 
_pdbx_struct_oper_list.matrix[1][3]         0.0000000000 
_pdbx_struct_oper_list.vector[1]            0.0000000000 
_pdbx_struct_oper_list.matrix[2][1]         0.0000000000 
_pdbx_struct_oper_list.matrix[2][2]         1.0000000000 
_pdbx_struct_oper_list.matrix[2][3]         0.0000000000 
_pdbx_struct_oper_list.vector[2]            0.0000000000 
_pdbx_struct_oper_list.matrix[3][1]         0.0000000000 
_pdbx_struct_oper_list.matrix[3][2]         0.0000000000 
_pdbx_struct_oper_list.matrix[3][3]         1.0000000000 
_pdbx_struct_oper_list.vector[3]            0.0000000000 
# 
_struct_biol.id        1 
_struct_biol.details   ? 
# 
_struct_conf.conf_type_id            HELX_P 
_struct_conf.id                      HELX_P1 
_struct_conf.pdbx_PDB_helix_id       1 
_struct_conf.beg_label_comp_id       GLN 
_struct_conf.beg_label_asym_id       A 
_struct_conf.beg_label_seq_id        27 
_struct_conf.pdbx_beg_PDB_ins_code   ? 
_struct_conf.end_label_comp_id       LEU 
_struct_conf.end_label_asym_id       A 
_struct_conf.end_label_seq_id        52 
_struct_conf.pdbx_end_PDB_ins_code   ? 
_struct_conf.beg_auth_comp_id        GLN 
_struct_conf.beg_auth_asym_id        A 
_struct_conf.beg_auth_seq_id         27 
_struct_conf.end_auth_comp_id        LEU 
_struct_conf.end_auth_asym_id        A 
_struct_conf.end_auth_seq_id         52 
_struct_conf.pdbx_PDB_helix_class    1 
_struct_conf.details                 ? 
_struct_conf.pdbx_PDB_helix_length   26 
# 
_struct_conf_type.id          HELX_P 
_struct_conf_type.criteria    ? 
_struct_conf_type.reference   ? 
# 
_pdbx_validate_rmsd_angle.id                         1 
_pdbx_validate_rmsd_angle.PDB_model_num              1 
_pdbx_validate_rmsd_angle.auth_atom_id_1             NE 
_pdbx_validate_rmsd_angle.auth_asym_id_1             A 
_pdbx_validate_rmsd_angle.auth_comp_id_1             ARG 
_pdbx_validate_rmsd_angle.auth_seq_id_1              15 
_pdbx_validate_rmsd_angle.PDB_ins_code_1             ? 
_pdbx_validate_rmsd_angle.label_alt_id_1             ? 
_pdbx_validate_rmsd_angle.auth_atom_id_2             CZ 
_pdbx_validate_rmsd_angle.auth_asym_id_2             A 
_pdbx_validate_rmsd_angle.auth_comp_id_2             ARG 
_pdbx_validate_rmsd_angle.auth_seq_id_2              15 
_pdbx_validate_rmsd_angle.PDB_ins_code_2             ? 
_pdbx_validate_rmsd_angle.label_alt_id_2             ? 
_pdbx_validate_rmsd_angle.auth_atom_id_3             NH1 
_pdbx_validate_rmsd_angle.auth_asym_id_3             A 
_pdbx_validate_rmsd_angle.auth_comp_id_3             ARG 
_pdbx_validate_rmsd_angle.auth_seq_id_3              15 
_pdbx_validate_rmsd_angle.PDB_ins_code_3             ? 
_pdbx_validate_rmsd_angle.label_alt_id_3             ? 
_pdbx_validate_rmsd_angle.angle_value                123.66 
_pdbx_validate_rmsd_angle.angle_target_value         120.30 
_pdbx_validate_rmsd_angle.angle_deviation            3.36 
_pdbx_validate_rmsd_angle.angle_standard_deviation   0.50 
_pdbx_validate_rmsd_angle.linker_flag                N 
# 
loop_
_pdbx_validate_torsion.id 
_pdbx_validate_torsion.PDB_model_num 
_pdbx_validate_torsion.auth_comp_id 
_pdbx_validate_torsion.auth_asym_id 
_pdbx_validate_torsion.auth_seq_id 
_pdbx_validate_torsion.PDB_ins_code 
_pdbx_validate_torsion.label_alt_id 
_pdbx_validate_torsion.phi 
_pdbx_validate_torsion.psi 
1 1 ALA A 16 ? ? 45.35   -117.95 
2 1 GLU A 20 ? ? -101.66 64.98   
# 
_pdbx_nmr_ensemble.average_constraint_violations_per_residue     ? 
_pdbx_nmr_ensemble.average_constraints_per_residue               ? 
_pdbx_nmr_ensemble.average_distance_constraint_violation         ? 
_pdbx_nmr_ensemble.average_torsion_angle_constraint_violation    ? 
_pdbx_nmr_ensemble.conformer_selection_criteria                  'median structure' 
_pdbx_nmr_ensemble.conformers_calculated_total_number            16000 
_pdbx_nmr_ensemble.conformers_submitted_total_number             1 
_pdbx_nmr_ensemble.distance_constraint_violation_method          ? 
_pdbx_nmr_ensemble.entry_id                                      2LPF 
_pdbx_nmr_ensemble.maximum_distance_constraint_violation         ? 
_pdbx_nmr_ensemble.maximum_lower_distance_constraint_violation   ? 
_pdbx_nmr_ensemble.maximum_torsion_angle_constraint_violation    ? 
_pdbx_nmr_ensemble.maximum_upper_distance_constraint_violation   ? 
_pdbx_nmr_ensemble.torsion_angle_constraint_violation_method     ? 
# 
_pdbx_nmr_representative.conformer_id         1 
_pdbx_nmr_representative.entry_id             2LPF 
_pdbx_nmr_representative.selection_criteria   'median structure' 
# 
loop_
_pdbx_nmr_sample_details.contents 
_pdbx_nmr_sample_details.solution_id 
_pdbx_nmr_sample_details.solvent_system 
;1-1.5 mM [U-99% 13C; U-99% 15N] Phospholamban, 120 mM sodium chloride, 5 % D2O, 20 mM sodium phosphate, 100 mM dodecylphosphocholine, 95% H2O/5% D2O
;
1 '95% H2O/5% D2O' 
;1-1.5 mM [U-99% 13C; U-99% 15N] Phospholamban, 120 mM sodium chloride, 5 % D2O, 20 mM sodium phosphate, 100 mM dodecylphosphocholine, 5.1 % acrylamide, 1.3 % bis-acrylamide, 95% H2O/5% D2O
;
2 '95% H2O/5% D2O' 
;1-1.5 mM [U-99% 13C; U-99% 15N] Phospholamban, 120 mM sodium chloride, 5 % D2O, 20 mM sodium phosphate, 100 mM dodecylphosphocholine, 3.85 % acrylamide, 1.3 % bis-acrylamide, 1.25 % 2-(acrylamido)-2-methyl-1-propanesulfonic acid, 95% H2O/5% D2O
;
3 '95% H2O/5% D2O' 
# 
loop_
_pdbx_nmr_exptl_sample.component 
_pdbx_nmr_exptl_sample.concentration 
_pdbx_nmr_exptl_sample.concentration_range 
_pdbx_nmr_exptl_sample.concentration_units 
_pdbx_nmr_exptl_sample.isotopic_labeling 
_pdbx_nmr_exptl_sample.solution_id 
Phospholamban-1                                     ?    1-1.5 mM '[U-99% 13C; U-99% 15N]' 1 
'sodium chloride-2'                                 120  ?     mM ?                        1 
D2O-3                                               5    ?     %  ?                        1 
'sodium phosphate-4'                                20   ?     mM ?                        1 
dodecylphosphocholine-5                             100  ?     mM ?                        1 
Phospholamban-6                                     ?    1-1.5 mM '[U-99% 13C; U-99% 15N]' 2 
'sodium chloride-7'                                 120  ?     mM ?                        2 
D2O-8                                               5    ?     %  ?                        2 
'sodium phosphate-9'                                20   ?     mM ?                        2 
dodecylphosphocholine-10                            100  ?     mM ?                        2 
acrylamide-11                                       5.1  ?     %  ?                        2 
bis-acrylamide-12                                   1.3  ?     %  ?                        2 
Phospholamban-13                                    ?    1-1.5 mM '[U-99% 13C; U-99% 15N]' 3 
'sodium chloride-14'                                120  ?     mM ?                        3 
D2O-15                                              5    ?     %  ?                        3 
'sodium phosphate-16'                               20   ?     mM ?                        3 
dodecylphosphocholine-17                            100  ?     mM ?                        3 
acrylamide-18                                       3.85 ?     %  ?                        3 
bis-acrylamide-19                                   1.3  ?     %  ?                        3 
'2-(acrylamido)-2-methyl-1-propanesulfonic acid-20' 1.25 ?     %  ?                        3 
# 
_pdbx_nmr_exptl_sample_conditions.conditions_id       1 
_pdbx_nmr_exptl_sample_conditions.ionic_strength      0.120 
_pdbx_nmr_exptl_sample_conditions.pH                  6.0 
_pdbx_nmr_exptl_sample_conditions.pressure            ambient 
_pdbx_nmr_exptl_sample_conditions.pressure_units      ? 
_pdbx_nmr_exptl_sample_conditions.temperature         310 
_pdbx_nmr_exptl_sample_conditions.temperature_units   K 
# 
loop_
_pdbx_nmr_exptl.conditions_id 
_pdbx_nmr_exptl.experiment_id 
_pdbx_nmr_exptl.solution_id 
_pdbx_nmr_exptl.type 
1 1  1 '3D HNCO'                
1 2  2 '3D HNCO'                
1 3  1 '3D C(CO)NH'             
1 4  1 '2D 1H-15N HSQC'         
1 5  2 '2D 1H-15N HSQC'         
1 6  3 '2D 1H-15N HSQC'         
1 7  1 '2D HN(a/b-NCO-J)-TROSY' 
1 8  2 '2D HN(a/b-NC0-J)-TROSY' 
1 9  1 '3D C(CO)NH'             
1 10 1 '3D H(CCO)NH'            
# 
_pdbx_nmr_refine.entry_id           2LPF 
_pdbx_nmr_refine.method             'molecular dynamics' 
_pdbx_nmr_refine.details            'Restrained molecular dynamics simulations implementing RDC' 
_pdbx_nmr_refine.software_ordinal   1 
# 
loop_
_pdbx_nmr_software.authors 
_pdbx_nmr_software.classification 
_pdbx_nmr_software.name 
_pdbx_nmr_software.version 
_pdbx_nmr_software.ordinal 
Goddard                                             'data analysis' Sparky  ? 1 
'Delaglio, Grzesiek, Vuister, Zhu, Pfeifer and Bax' processing      NMRPipe ? 2 
'Berendsens et. al.'                                refinement      GROMACS ? 3 
# 
loop_
_chem_comp_atom.comp_id 
_chem_comp_atom.atom_id 
_chem_comp_atom.type_symbol 
_chem_comp_atom.pdbx_aromatic_flag 
_chem_comp_atom.pdbx_stereo_config 
_chem_comp_atom.pdbx_ordinal 
ALA N    N N N 1   
ALA CA   C N S 2   
ALA C    C N N 3   
ALA O    O N N 4   
ALA CB   C N N 5   
ALA OXT  O N N 6   
ALA H    H N N 7   
ALA H2   H N N 8   
ALA HA   H N N 9   
ALA HB1  H N N 10  
ALA HB2  H N N 11  
ALA HB3  H N N 12  
ALA HXT  H N N 13  
ARG N    N N N 14  
ARG CA   C N S 15  
ARG C    C N N 16  
ARG O    O N N 17  
ARG CB   C N N 18  
ARG CG   C N N 19  
ARG CD   C N N 20  
ARG NE   N N N 21  
ARG CZ   C N N 22  
ARG NH1  N N N 23  
ARG NH2  N N N 24  
ARG OXT  O N N 25  
ARG H    H N N 26  
ARG H2   H N N 27  
ARG HA   H N N 28  
ARG HB2  H N N 29  
ARG HB3  H N N 30  
ARG HG2  H N N 31  
ARG HG3  H N N 32  
ARG HD2  H N N 33  
ARG HD3  H N N 34  
ARG HE   H N N 35  
ARG HH11 H N N 36  
ARG HH12 H N N 37  
ARG HH21 H N N 38  
ARG HH22 H N N 39  
ARG HXT  H N N 40  
ASN N    N N N 41  
ASN CA   C N S 42  
ASN C    C N N 43  
ASN O    O N N 44  
ASN CB   C N N 45  
ASN CG   C N N 46  
ASN OD1  O N N 47  
ASN ND2  N N N 48  
ASN OXT  O N N 49  
ASN H    H N N 50  
ASN H2   H N N 51  
ASN HA   H N N 52  
ASN HB2  H N N 53  
ASN HB3  H N N 54  
ASN HD21 H N N 55  
ASN HD22 H N N 56  
ASN HXT  H N N 57  
CYS N    N N N 58  
CYS CA   C N R 59  
CYS C    C N N 60  
CYS O    O N N 61  
CYS CB   C N N 62  
CYS SG   S N N 63  
CYS OXT  O N N 64  
CYS H    H N N 65  
CYS H2   H N N 66  
CYS HA   H N N 67  
CYS HB2  H N N 68  
CYS HB3  H N N 69  
CYS HG   H N N 70  
CYS HXT  H N N 71  
GLN N    N N N 72  
GLN CA   C N S 73  
GLN C    C N N 74  
GLN O    O N N 75  
GLN CB   C N N 76  
GLN CG   C N N 77  
GLN CD   C N N 78  
GLN OE1  O N N 79  
GLN NE2  N N N 80  
GLN OXT  O N N 81  
GLN H    H N N 82  
GLN H2   H N N 83  
GLN HA   H N N 84  
GLN HB2  H N N 85  
GLN HB3  H N N 86  
GLN HG2  H N N 87  
GLN HG3  H N N 88  
GLN HE21 H N N 89  
GLN HE22 H N N 90  
GLN HXT  H N N 91  
GLU N    N N N 92  
GLU CA   C N S 93  
GLU C    C N N 94  
GLU O    O N N 95  
GLU CB   C N N 96  
GLU CG   C N N 97  
GLU CD   C N N 98  
GLU OE1  O N N 99  
GLU OE2  O N N 100 
GLU OXT  O N N 101 
GLU H    H N N 102 
GLU H2   H N N 103 
GLU HA   H N N 104 
GLU HB2  H N N 105 
GLU HB3  H N N 106 
GLU HG2  H N N 107 
GLU HG3  H N N 108 
GLU HE2  H N N 109 
GLU HXT  H N N 110 
ILE N    N N N 111 
ILE CA   C N S 112 
ILE C    C N N 113 
ILE O    O N N 114 
ILE CB   C N S 115 
ILE CG1  C N N 116 
ILE CG2  C N N 117 
ILE CD1  C N N 118 
ILE OXT  O N N 119 
ILE H    H N N 120 
ILE H2   H N N 121 
ILE HA   H N N 122 
ILE HB   H N N 123 
ILE HG12 H N N 124 
ILE HG13 H N N 125 
ILE HG21 H N N 126 
ILE HG22 H N N 127 
ILE HG23 H N N 128 
ILE HD11 H N N 129 
ILE HD12 H N N 130 
ILE HD13 H N N 131 
ILE HXT  H N N 132 
LEU N    N N N 133 
LEU CA   C N S 134 
LEU C    C N N 135 
LEU O    O N N 136 
LEU CB   C N N 137 
LEU CG   C N N 138 
LEU CD1  C N N 139 
LEU CD2  C N N 140 
LEU OXT  O N N 141 
LEU H    H N N 142 
LEU H2   H N N 143 
LEU HA   H N N 144 
LEU HB2  H N N 145 
LEU HB3  H N N 146 
LEU HG   H N N 147 
LEU HD11 H N N 148 
LEU HD12 H N N 149 
LEU HD13 H N N 150 
LEU HD21 H N N 151 
LEU HD22 H N N 152 
LEU HD23 H N N 153 
LEU HXT  H N N 154 
LYS N    N N N 155 
LYS CA   C N S 156 
LYS C    C N N 157 
LYS O    O N N 158 
LYS CB   C N N 159 
LYS CG   C N N 160 
LYS CD   C N N 161 
LYS CE   C N N 162 
LYS NZ   N N N 163 
LYS OXT  O N N 164 
LYS H    H N N 165 
LYS H2   H N N 166 
LYS HA   H N N 167 
LYS HB2  H N N 168 
LYS HB3  H N N 169 
LYS HG2  H N N 170 
LYS HG3  H N N 171 
LYS HD2  H N N 172 
LYS HD3  H N N 173 
LYS HE2  H N N 174 
LYS HE3  H N N 175 
LYS HZ1  H N N 176 
LYS HZ2  H N N 177 
LYS HZ3  H N N 178 
LYS HXT  H N N 179 
MET N    N N N 180 
MET CA   C N S 181 
MET C    C N N 182 
MET O    O N N 183 
MET CB   C N N 184 
MET CG   C N N 185 
MET SD   S N N 186 
MET CE   C N N 187 
MET OXT  O N N 188 
MET H    H N N 189 
MET H2   H N N 190 
MET HA   H N N 191 
MET HB2  H N N 192 
MET HB3  H N N 193 
MET HG2  H N N 194 
MET HG3  H N N 195 
MET HE1  H N N 196 
MET HE2  H N N 197 
MET HE3  H N N 198 
MET HXT  H N N 199 
PHE N    N N N 200 
PHE CA   C N S 201 
PHE C    C N N 202 
PHE O    O N N 203 
PHE CB   C N N 204 
PHE CG   C Y N 205 
PHE CD1  C Y N 206 
PHE CD2  C Y N 207 
PHE CE1  C Y N 208 
PHE CE2  C Y N 209 
PHE CZ   C Y N 210 
PHE OXT  O N N 211 
PHE H    H N N 212 
PHE H2   H N N 213 
PHE HA   H N N 214 
PHE HB2  H N N 215 
PHE HB3  H N N 216 
PHE HD1  H N N 217 
PHE HD2  H N N 218 
PHE HE1  H N N 219 
PHE HE2  H N N 220 
PHE HZ   H N N 221 
PHE HXT  H N N 222 
PRO N    N N N 223 
PRO CA   C N S 224 
PRO C    C N N 225 
PRO O    O N N 226 
PRO CB   C N N 227 
PRO CG   C N N 228 
PRO CD   C N N 229 
PRO OXT  O N N 230 
PRO H    H N N 231 
PRO HA   H N N 232 
PRO HB2  H N N 233 
PRO HB3  H N N 234 
PRO HG2  H N N 235 
PRO HG3  H N N 236 
PRO HD2  H N N 237 
PRO HD3  H N N 238 
PRO HXT  H N N 239 
SER N    N N N 240 
SER CA   C N S 241 
SER C    C N N 242 
SER O    O N N 243 
SER CB   C N N 244 
SER OG   O N N 245 
SER OXT  O N N 246 
SER H    H N N 247 
SER H2   H N N 248 
SER HA   H N N 249 
SER HB2  H N N 250 
SER HB3  H N N 251 
SER HG   H N N 252 
SER HXT  H N N 253 
THR N    N N N 254 
THR CA   C N S 255 
THR C    C N N 256 
THR O    O N N 257 
THR CB   C N R 258 
THR OG1  O N N 259 
THR CG2  C N N 260 
THR OXT  O N N 261 
THR H    H N N 262 
THR H2   H N N 263 
THR HA   H N N 264 
THR HB   H N N 265 
THR HG1  H N N 266 
THR HG21 H N N 267 
THR HG22 H N N 268 
THR HG23 H N N 269 
THR HXT  H N N 270 
TYR N    N N N 271 
TYR CA   C N S 272 
TYR C    C N N 273 
TYR O    O N N 274 
TYR CB   C N N 275 
TYR CG   C Y N 276 
TYR CD1  C Y N 277 
TYR CD2  C Y N 278 
TYR CE1  C Y N 279 
TYR CE2  C Y N 280 
TYR CZ   C Y N 281 
TYR OH   O N N 282 
TYR OXT  O N N 283 
TYR H    H N N 284 
TYR H2   H N N 285 
TYR HA   H N N 286 
TYR HB2  H N N 287 
TYR HB3  H N N 288 
TYR HD1  H N N 289 
TYR HD2  H N N 290 
TYR HE1  H N N 291 
TYR HE2  H N N 292 
TYR HH   H N N 293 
TYR HXT  H N N 294 
VAL N    N N N 295 
VAL CA   C N S 296 
VAL C    C N N 297 
VAL O    O N N 298 
VAL CB   C N N 299 
VAL CG1  C N N 300 
VAL CG2  C N N 301 
VAL OXT  O N N 302 
VAL H    H N N 303 
VAL H2   H N N 304 
VAL HA   H N N 305 
VAL HB   H N N 306 
VAL HG11 H N N 307 
VAL HG12 H N N 308 
VAL HG13 H N N 309 
VAL HG21 H N N 310 
VAL HG22 H N N 311 
VAL HG23 H N N 312 
VAL HXT  H N N 313 
# 
loop_
_chem_comp_bond.comp_id 
_chem_comp_bond.atom_id_1 
_chem_comp_bond.atom_id_2 
_chem_comp_bond.value_order 
_chem_comp_bond.pdbx_aromatic_flag 
_chem_comp_bond.pdbx_stereo_config 
_chem_comp_bond.pdbx_ordinal 
ALA N   CA   sing N N 1   
ALA N   H    sing N N 2   
ALA N   H2   sing N N 3   
ALA CA  C    sing N N 4   
ALA CA  CB   sing N N 5   
ALA CA  HA   sing N N 6   
ALA C   O    doub N N 7   
ALA C   OXT  sing N N 8   
ALA CB  HB1  sing N N 9   
ALA CB  HB2  sing N N 10  
ALA CB  HB3  sing N N 11  
ALA OXT HXT  sing N N 12  
ARG N   CA   sing N N 13  
ARG N   H    sing N N 14  
ARG N   H2   sing N N 15  
ARG CA  C    sing N N 16  
ARG CA  CB   sing N N 17  
ARG CA  HA   sing N N 18  
ARG C   O    doub N N 19  
ARG C   OXT  sing N N 20  
ARG CB  CG   sing N N 21  
ARG CB  HB2  sing N N 22  
ARG CB  HB3  sing N N 23  
ARG CG  CD   sing N N 24  
ARG CG  HG2  sing N N 25  
ARG CG  HG3  sing N N 26  
ARG CD  NE   sing N N 27  
ARG CD  HD2  sing N N 28  
ARG CD  HD3  sing N N 29  
ARG NE  CZ   sing N N 30  
ARG NE  HE   sing N N 31  
ARG CZ  NH1  sing N N 32  
ARG CZ  NH2  doub N N 33  
ARG NH1 HH11 sing N N 34  
ARG NH1 HH12 sing N N 35  
ARG NH2 HH21 sing N N 36  
ARG NH2 HH22 sing N N 37  
ARG OXT HXT  sing N N 38  
ASN N   CA   sing N N 39  
ASN N   H    sing N N 40  
ASN N   H2   sing N N 41  
ASN CA  C    sing N N 42  
ASN CA  CB   sing N N 43  
ASN CA  HA   sing N N 44  
ASN C   O    doub N N 45  
ASN C   OXT  sing N N 46  
ASN CB  CG   sing N N 47  
ASN CB  HB2  sing N N 48  
ASN CB  HB3  sing N N 49  
ASN CG  OD1  doub N N 50  
ASN CG  ND2  sing N N 51  
ASN ND2 HD21 sing N N 52  
ASN ND2 HD22 sing N N 53  
ASN OXT HXT  sing N N 54  
CYS N   CA   sing N N 55  
CYS N   H    sing N N 56  
CYS N   H2   sing N N 57  
CYS CA  C    sing N N 58  
CYS CA  CB   sing N N 59  
CYS CA  HA   sing N N 60  
CYS C   O    doub N N 61  
CYS C   OXT  sing N N 62  
CYS CB  SG   sing N N 63  
CYS CB  HB2  sing N N 64  
CYS CB  HB3  sing N N 65  
CYS SG  HG   sing N N 66  
CYS OXT HXT  sing N N 67  
GLN N   CA   sing N N 68  
GLN N   H    sing N N 69  
GLN N   H2   sing N N 70  
GLN CA  C    sing N N 71  
GLN CA  CB   sing N N 72  
GLN CA  HA   sing N N 73  
GLN C   O    doub N N 74  
GLN C   OXT  sing N N 75  
GLN CB  CG   sing N N 76  
GLN CB  HB2  sing N N 77  
GLN CB  HB3  sing N N 78  
GLN CG  CD   sing N N 79  
GLN CG  HG2  sing N N 80  
GLN CG  HG3  sing N N 81  
GLN CD  OE1  doub N N 82  
GLN CD  NE2  sing N N 83  
GLN NE2 HE21 sing N N 84  
GLN NE2 HE22 sing N N 85  
GLN OXT HXT  sing N N 86  
GLU N   CA   sing N N 87  
GLU N   H    sing N N 88  
GLU N   H2   sing N N 89  
GLU CA  C    sing N N 90  
GLU CA  CB   sing N N 91  
GLU CA  HA   sing N N 92  
GLU C   O    doub N N 93  
GLU C   OXT  sing N N 94  
GLU CB  CG   sing N N 95  
GLU CB  HB2  sing N N 96  
GLU CB  HB3  sing N N 97  
GLU CG  CD   sing N N 98  
GLU CG  HG2  sing N N 99  
GLU CG  HG3  sing N N 100 
GLU CD  OE1  doub N N 101 
GLU CD  OE2  sing N N 102 
GLU OE2 HE2  sing N N 103 
GLU OXT HXT  sing N N 104 
ILE N   CA   sing N N 105 
ILE N   H    sing N N 106 
ILE N   H2   sing N N 107 
ILE CA  C    sing N N 108 
ILE CA  CB   sing N N 109 
ILE CA  HA   sing N N 110 
ILE C   O    doub N N 111 
ILE C   OXT  sing N N 112 
ILE CB  CG1  sing N N 113 
ILE CB  CG2  sing N N 114 
ILE CB  HB   sing N N 115 
ILE CG1 CD1  sing N N 116 
ILE CG1 HG12 sing N N 117 
ILE CG1 HG13 sing N N 118 
ILE CG2 HG21 sing N N 119 
ILE CG2 HG22 sing N N 120 
ILE CG2 HG23 sing N N 121 
ILE CD1 HD11 sing N N 122 
ILE CD1 HD12 sing N N 123 
ILE CD1 HD13 sing N N 124 
ILE OXT HXT  sing N N 125 
LEU N   CA   sing N N 126 
LEU N   H    sing N N 127 
LEU N   H2   sing N N 128 
LEU CA  C    sing N N 129 
LEU CA  CB   sing N N 130 
LEU CA  HA   sing N N 131 
LEU C   O    doub N N 132 
LEU C   OXT  sing N N 133 
LEU CB  CG   sing N N 134 
LEU CB  HB2  sing N N 135 
LEU CB  HB3  sing N N 136 
LEU CG  CD1  sing N N 137 
LEU CG  CD2  sing N N 138 
LEU CG  HG   sing N N 139 
LEU CD1 HD11 sing N N 140 
LEU CD1 HD12 sing N N 141 
LEU CD1 HD13 sing N N 142 
LEU CD2 HD21 sing N N 143 
LEU CD2 HD22 sing N N 144 
LEU CD2 HD23 sing N N 145 
LEU OXT HXT  sing N N 146 
LYS N   CA   sing N N 147 
LYS N   H    sing N N 148 
LYS N   H2   sing N N 149 
LYS CA  C    sing N N 150 
LYS CA  CB   sing N N 151 
LYS CA  HA   sing N N 152 
LYS C   O    doub N N 153 
LYS C   OXT  sing N N 154 
LYS CB  CG   sing N N 155 
LYS CB  HB2  sing N N 156 
LYS CB  HB3  sing N N 157 
LYS CG  CD   sing N N 158 
LYS CG  HG2  sing N N 159 
LYS CG  HG3  sing N N 160 
LYS CD  CE   sing N N 161 
LYS CD  HD2  sing N N 162 
LYS CD  HD3  sing N N 163 
LYS CE  NZ   sing N N 164 
LYS CE  HE2  sing N N 165 
LYS CE  HE3  sing N N 166 
LYS NZ  HZ1  sing N N 167 
LYS NZ  HZ2  sing N N 168 
LYS NZ  HZ3  sing N N 169 
LYS OXT HXT  sing N N 170 
MET N   CA   sing N N 171 
MET N   H    sing N N 172 
MET N   H2   sing N N 173 
MET CA  C    sing N N 174 
MET CA  CB   sing N N 175 
MET CA  HA   sing N N 176 
MET C   O    doub N N 177 
MET C   OXT  sing N N 178 
MET CB  CG   sing N N 179 
MET CB  HB2  sing N N 180 
MET CB  HB3  sing N N 181 
MET CG  SD   sing N N 182 
MET CG  HG2  sing N N 183 
MET CG  HG3  sing N N 184 
MET SD  CE   sing N N 185 
MET CE  HE1  sing N N 186 
MET CE  HE2  sing N N 187 
MET CE  HE3  sing N N 188 
MET OXT HXT  sing N N 189 
PHE N   CA   sing N N 190 
PHE N   H    sing N N 191 
PHE N   H2   sing N N 192 
PHE CA  C    sing N N 193 
PHE CA  CB   sing N N 194 
PHE CA  HA   sing N N 195 
PHE C   O    doub N N 196 
PHE C   OXT  sing N N 197 
PHE CB  CG   sing N N 198 
PHE CB  HB2  sing N N 199 
PHE CB  HB3  sing N N 200 
PHE CG  CD1  doub Y N 201 
PHE CG  CD2  sing Y N 202 
PHE CD1 CE1  sing Y N 203 
PHE CD1 HD1  sing N N 204 
PHE CD2 CE2  doub Y N 205 
PHE CD2 HD2  sing N N 206 
PHE CE1 CZ   doub Y N 207 
PHE CE1 HE1  sing N N 208 
PHE CE2 CZ   sing Y N 209 
PHE CE2 HE2  sing N N 210 
PHE CZ  HZ   sing N N 211 
PHE OXT HXT  sing N N 212 
PRO N   CA   sing N N 213 
PRO N   CD   sing N N 214 
PRO N   H    sing N N 215 
PRO CA  C    sing N N 216 
PRO CA  CB   sing N N 217 
PRO CA  HA   sing N N 218 
PRO C   O    doub N N 219 
PRO C   OXT  sing N N 220 
PRO CB  CG   sing N N 221 
PRO CB  HB2  sing N N 222 
PRO CB  HB3  sing N N 223 
PRO CG  CD   sing N N 224 
PRO CG  HG2  sing N N 225 
PRO CG  HG3  sing N N 226 
PRO CD  HD2  sing N N 227 
PRO CD  HD3  sing N N 228 
PRO OXT HXT  sing N N 229 
SER N   CA   sing N N 230 
SER N   H    sing N N 231 
SER N   H2   sing N N 232 
SER CA  C    sing N N 233 
SER CA  CB   sing N N 234 
SER CA  HA   sing N N 235 
SER C   O    doub N N 236 
SER C   OXT  sing N N 237 
SER CB  OG   sing N N 238 
SER CB  HB2  sing N N 239 
SER CB  HB3  sing N N 240 
SER OG  HG   sing N N 241 
SER OXT HXT  sing N N 242 
THR N   CA   sing N N 243 
THR N   H    sing N N 244 
THR N   H2   sing N N 245 
THR CA  C    sing N N 246 
THR CA  CB   sing N N 247 
THR CA  HA   sing N N 248 
THR C   O    doub N N 249 
THR C   OXT  sing N N 250 
THR CB  OG1  sing N N 251 
THR CB  CG2  sing N N 252 
THR CB  HB   sing N N 253 
THR OG1 HG1  sing N N 254 
THR CG2 HG21 sing N N 255 
THR CG2 HG22 sing N N 256 
THR CG2 HG23 sing N N 257 
THR OXT HXT  sing N N 258 
TYR N   CA   sing N N 259 
TYR N   H    sing N N 260 
TYR N   H2   sing N N 261 
TYR CA  C    sing N N 262 
TYR CA  CB   sing N N 263 
TYR CA  HA   sing N N 264 
TYR C   O    doub N N 265 
TYR C   OXT  sing N N 266 
TYR CB  CG   sing N N 267 
TYR CB  HB2  sing N N 268 
TYR CB  HB3  sing N N 269 
TYR CG  CD1  doub Y N 270 
TYR CG  CD2  sing Y N 271 
TYR CD1 CE1  sing Y N 272 
TYR CD1 HD1  sing N N 273 
TYR CD2 CE2  doub Y N 274 
TYR CD2 HD2  sing N N 275 
TYR CE1 CZ   doub Y N 276 
TYR CE1 HE1  sing N N 277 
TYR CE2 CZ   sing Y N 278 
TYR CE2 HE2  sing N N 279 
TYR CZ  OH   sing N N 280 
TYR OH  HH   sing N N 281 
TYR OXT HXT  sing N N 282 
VAL N   CA   sing N N 283 
VAL N   H    sing N N 284 
VAL N   H2   sing N N 285 
VAL CA  C    sing N N 286 
VAL CA  CB   sing N N 287 
VAL CA  HA   sing N N 288 
VAL C   O    doub N N 289 
VAL C   OXT  sing N N 290 
VAL CB  CG1  sing N N 291 
VAL CB  CG2  sing N N 292 
VAL CB  HB   sing N N 293 
VAL CG1 HG11 sing N N 294 
VAL CG1 HG12 sing N N 295 
VAL CG1 HG13 sing N N 296 
VAL CG2 HG21 sing N N 297 
VAL CG2 HG22 sing N N 298 
VAL CG2 HG23 sing N N 299 
VAL OXT HXT  sing N N 300 
# 
_pdbx_nmr_spectrometer.field_strength    600 
_pdbx_nmr_spectrometer.manufacturer      Varian 
_pdbx_nmr_spectrometer.model             VNMRS 
_pdbx_nmr_spectrometer.spectrometer_id   1 
_pdbx_nmr_spectrometer.type              'Varian VNMRS' 
# 
_atom_sites.entry_id                    2LPF 
_atom_sites.fract_transf_matrix[1][1]   1.000000 
_atom_sites.fract_transf_matrix[1][2]   0.000000 
_atom_sites.fract_transf_matrix[1][3]   0.000000 
_atom_sites.fract_transf_matrix[2][1]   0.000000 
_atom_sites.fract_transf_matrix[2][2]   1.000000 
_atom_sites.fract_transf_matrix[2][3]   0.000000 
_atom_sites.fract_transf_matrix[3][1]   0.000000 
_atom_sites.fract_transf_matrix[3][2]   0.000000 
_atom_sites.fract_transf_matrix[3][3]   1.000000 
_atom_sites.fract_transf_vector[1]      0.00000 
_atom_sites.fract_transf_vector[2]      0.00000 
_atom_sites.fract_transf_vector[3]      0.00000 
# 
loop_
_atom_type.symbol 
C 
H 
N 
O 
S 
# 
loop_
_atom_site.group_PDB 
_atom_site.id 
_atom_site.type_symbol 
_atom_site.label_atom_id 
_atom_site.label_alt_id 
_atom_site.label_comp_id 
_atom_site.label_asym_id 
_atom_site.label_entity_id 
_atom_site.label_seq_id 
_atom_site.pdbx_PDB_ins_code 
_atom_site.Cartn_x 
_atom_site.Cartn_y 
_atom_site.Cartn_z 
_atom_site.occupancy 
_atom_site.B_iso_or_equiv 
_atom_site.pdbx_formal_charge 
_atom_site.auth_seq_id 
_atom_site.auth_comp_id 
_atom_site.auth_asym_id 
_atom_site.auth_atom_id 
_atom_site.pdbx_PDB_model_num 
ATOM 1   N N    . ALA A 1 1  ? -11.377 24.072  -16.814 1.00 0.00 ? 1  ALA A N    1 
ATOM 2   C CA   . ALA A 1 1  ? -10.455 23.824  -15.694 1.00 0.00 ? 1  ALA A CA   1 
ATOM 3   C C    . ALA A 1 1  ? -9.025  23.999  -16.178 1.00 0.00 ? 1  ALA A C    1 
ATOM 4   O O    . ALA A 1 1  ? -8.826  24.204  -17.376 1.00 0.00 ? 1  ALA A O    1 
ATOM 5   C CB   . ALA A 1 1  ? -10.682 22.432  -15.115 1.00 0.00 ? 1  ALA A CB   1 
ATOM 6   H H1   . ALA A 1 1  ? -11.183 23.431  -17.563 1.00 0.00 ? 1  ALA A H1   1 
ATOM 7   H H2   . ALA A 1 1  ? -12.334 23.971  -16.520 1.00 0.00 ? 1  ALA A H2   1 
ATOM 8   H H3   . ALA A 1 1  ? -11.226 25.008  -17.172 1.00 0.00 ? 1  ALA A H3   1 
ATOM 9   H HA   . ALA A 1 1  ? -10.636 24.557  -14.913 1.00 0.00 ? 1  ALA A HA   1 
ATOM 10  H HB1  . ALA A 1 1  ? -11.708 22.333  -14.765 1.00 0.00 ? 1  ALA A HB1  1 
ATOM 11  H HB2  . ALA A 1 1  ? -10.475 21.670  -15.858 1.00 0.00 ? 1  ALA A HB2  1 
ATOM 12  H HB3  . ALA A 1 1  ? -10.019 22.276  -14.262 1.00 0.00 ? 1  ALA A HB3  1 
ATOM 13  N N    . MET A 1 2  ? -8.041  23.939  -15.282 1.00 0.00 ? 2  MET A N    1 
ATOM 14  C CA   . MET A 1 2  ? -6.622  24.024  -15.566 1.00 0.00 ? 2  MET A CA   1 
ATOM 15  C C    . MET A 1 2  ? -5.921  22.918  -14.783 1.00 0.00 ? 2  MET A C    1 
ATOM 16  O O    . MET A 1 2  ? -6.279  22.692  -13.630 1.00 0.00 ? 2  MET A O    1 
ATOM 17  C CB   . MET A 1 2  ? -6.126  25.404  -15.154 1.00 0.00 ? 2  MET A CB   1 
ATOM 18  C CG   . MET A 1 2  ? -4.668  25.687  -15.479 1.00 0.00 ? 2  MET A CG   1 
ATOM 19  S SD   . MET A 1 2  ? -4.146  27.323  -14.904 1.00 0.00 ? 2  MET A SD   1 
ATOM 20  C CE   . MET A 1 2  ? -2.520  27.440  -15.679 1.00 0.00 ? 2  MET A CE   1 
ATOM 21  H H    . MET A 1 2  ? -8.260  23.738  -14.312 1.00 0.00 ? 2  MET A H    1 
ATOM 22  H HA   . MET A 1 2  ? -6.432  23.876  -16.629 1.00 0.00 ? 2  MET A HA   1 
ATOM 23  H HB2  . MET A 1 2  ? -6.729  26.155  -15.661 1.00 0.00 ? 2  MET A HB2  1 
ATOM 24  H HB3  . MET A 1 2  ? -6.271  25.528  -14.075 1.00 0.00 ? 2  MET A HB3  1 
ATOM 25  H HG2  . MET A 1 2  ? -4.023  24.943  -14.996 1.00 0.00 ? 2  MET A HG2  1 
ATOM 26  H HG3  . MET A 1 2  ? -4.524  25.626  -16.557 1.00 0.00 ? 2  MET A HG3  1 
ATOM 27  H HE1  . MET A 1 2  ? -1.876  26.632  -15.327 1.00 0.00 ? 2  MET A HE1  1 
ATOM 28  H HE2  . MET A 1 2  ? -2.624  27.366  -16.765 1.00 0.00 ? 2  MET A HE2  1 
ATOM 29  H HE3  . MET A 1 2  ? -2.062  28.397  -15.432 1.00 0.00 ? 2  MET A HE3  1 
ATOM 30  N N    . GLU A 1 3  ? -4.966  22.205  -15.381 1.00 0.00 ? 3  GLU A N    1 
ATOM 31  C CA   . GLU A 1 3  ? -4.187  21.221  -14.652 1.00 0.00 ? 3  GLU A CA   1 
ATOM 32  C C    . GLU A 1 3  ? -3.217  21.902  -13.712 1.00 0.00 ? 3  GLU A C    1 
ATOM 33  O O    . GLU A 1 3  ? -2.615  22.921  -14.049 1.00 0.00 ? 3  GLU A O    1 
ATOM 34  C CB   . GLU A 1 3  ? -3.491  20.232  -15.583 1.00 0.00 ? 3  GLU A CB   1 
ATOM 35  C CG   . GLU A 1 3  ? -2.946  19.039  -14.808 1.00 0.00 ? 3  GLU A CG   1 
ATOM 36  C CD   . GLU A 1 3  ? -2.196  18.034  -15.663 1.00 0.00 ? 3  GLU A CD   1 
ATOM 37  O OE1  . GLU A 1 3  ? -0.973  18.229  -15.838 1.00 0.00 ? 3  GLU A OE1  1 
ATOM 38  O OE2  . GLU A 1 3  ? -2.819  17.034  -16.067 1.00 0.00 ? 3  GLU A OE2  1 
ATOM 39  H H    . GLU A 1 3  ? -4.667  22.443  -16.316 1.00 0.00 ? 3  GLU A H    1 
ATOM 40  H HA   . GLU A 1 3  ? -4.885  20.637  -14.048 1.00 0.00 ? 3  GLU A HA   1 
ATOM 41  H HB2  . GLU A 1 3  ? -4.199  19.867  -16.320 1.00 0.00 ? 3  GLU A HB2  1 
ATOM 42  H HB3  . GLU A 1 3  ? -2.675  20.736  -16.108 1.00 0.00 ? 3  GLU A HB3  1 
ATOM 43  H HG2  . GLU A 1 3  ? -2.260  19.391  -14.029 1.00 0.00 ? 3  GLU A HG2  1 
ATOM 44  H HG3  . GLU A 1 3  ? -3.770  18.549  -14.302 1.00 0.00 ? 3  GLU A HG3  1 
ATOM 45  N N    . LYS A 1 4  ? -3.050  21.335  -12.511 1.00 0.00 ? 4  LYS A N    1 
ATOM 46  C CA   . LYS A 1 4  ? -2.024  21.703  -11.561 1.00 0.00 ? 4  LYS A CA   1 
ATOM 47  C C    . LYS A 1 4  ? -1.217  20.516  -11.050 1.00 0.00 ? 4  LYS A C    1 
ATOM 48  O O    . LYS A 1 4  ? -0.131  20.712  -10.529 1.00 0.00 ? 4  LYS A O    1 
ATOM 49  C CB   . LYS A 1 4  ? -2.612  22.512  -10.412 1.00 0.00 ? 4  LYS A CB   1 
ATOM 50  C CG   . LYS A 1 4  ? -3.414  23.729  -10.863 1.00 0.00 ? 4  LYS A CG   1 
ATOM 51  C CD   . LYS A 1 4  ? -3.840  24.642  -9.715  1.00 0.00 ? 4  LYS A CD   1 
ATOM 52  C CE   . LYS A 1 4  ? -2.661  25.471  -9.203  1.00 0.00 ? 4  LYS A CE   1 
ATOM 53  N NZ   . LYS A 1 4  ? -3.073  26.378  -8.117  1.00 0.00 ? 4  LYS A NZ   1 
ATOM 54  H H    . LYS A 1 4  ? -3.648  20.555  -12.301 1.00 0.00 ? 4  LYS A H    1 
ATOM 55  H HA   . LYS A 1 4  ? -1.290  22.339  -12.067 1.00 0.00 ? 4  LYS A HA   1 
ATOM 56  H HB2  . LYS A 1 4  ? -3.259  21.859  -9.814  1.00 0.00 ? 4  LYS A HB2  1 
ATOM 57  H HB3  . LYS A 1 4  ? -1.789  22.838  -9.775  1.00 0.00 ? 4  LYS A HB3  1 
ATOM 58  H HG2  . LYS A 1 4  ? -2.825  24.305  -11.578 1.00 0.00 ? 4  LYS A HG2  1 
ATOM 59  H HG3  . LYS A 1 4  ? -4.314  23.388  -11.371 1.00 0.00 ? 4  LYS A HG3  1 
ATOM 60  H HD2  . LYS A 1 4  ? -4.618  25.305  -10.088 1.00 0.00 ? 4  LYS A HD2  1 
ATOM 61  H HD3  . LYS A 1 4  ? -4.252  24.030  -8.906  1.00 0.00 ? 4  LYS A HD3  1 
ATOM 62  H HE2  . LYS A 1 4  ? -1.880  24.796  -8.862  1.00 0.00 ? 4  LYS A HE2  1 
ATOM 63  H HE3  . LYS A 1 4  ? -2.263  26.045  -10.032 1.00 0.00 ? 4  LYS A HE3  1 
ATOM 64  H HZ1  . LYS A 1 4  ? -3.798  26.992  -8.425  1.00 0.00 ? 4  LYS A HZ1  1 
ATOM 65  H HZ2  . LYS A 1 4  ? -3.408  25.845  -7.324  1.00 0.00 ? 4  LYS A HZ2  1 
ATOM 66  H HZ3  . LYS A 1 4  ? -2.290  26.934  -7.816  1.00 0.00 ? 4  LYS A HZ3  1 
ATOM 67  N N    . VAL A 1 5  ? -1.750  19.300  -11.194 1.00 0.00 ? 5  VAL A N    1 
ATOM 68  C CA   . VAL A 1 5  ? -1.144  18.030  -10.847 1.00 0.00 ? 5  VAL A CA   1 
ATOM 69  C C    . VAL A 1 5  ? -1.726  16.937  -11.737 1.00 0.00 ? 5  VAL A C    1 
ATOM 70  O O    . VAL A 1 5  ? -2.917  16.937  -12.024 1.00 0.00 ? 5  VAL A O    1 
ATOM 71  C CB   . VAL A 1 5  ? -1.367  17.648  -9.387  1.00 0.00 ? 5  VAL A CB   1 
ATOM 72  C CG1  . VAL A 1 5  ? -0.501  18.459  -8.426  1.00 0.00 ? 5  VAL A CG1  1 
ATOM 73  C CG2  . VAL A 1 5  ? -2.813  17.741  -8.907  1.00 0.00 ? 5  VAL A CG2  1 
ATOM 74  H H    . VAL A 1 5  ? -2.625  19.224  -11.690 1.00 0.00 ? 5  VAL A H    1 
ATOM 75  H HA   . VAL A 1 5  ? -0.075  18.086  -11.030 1.00 0.00 ? 5  VAL A HA   1 
ATOM 76  H HB   . VAL A 1 5  ? -1.046  16.606  -9.283  1.00 0.00 ? 5  VAL A HB   1 
ATOM 77  H HG11 . VAL A 1 5  ? 0.534   18.450  -8.759  1.00 0.00 ? 5  VAL A HG11 1 
ATOM 78  H HG12 . VAL A 1 5  ? -0.852  19.491  -8.378  1.00 0.00 ? 5  VAL A HG12 1 
ATOM 79  H HG13 . VAL A 1 5  ? -0.548  18.033  -7.425  1.00 0.00 ? 5  VAL A HG13 1 
ATOM 80  H HG21 . VAL A 1 5  ? -3.169  18.764  -8.980  1.00 0.00 ? 5  VAL A HG21 1 
ATOM 81  H HG22 . VAL A 1 5  ? -3.454  17.093  -9.504  1.00 0.00 ? 5  VAL A HG22 1 
ATOM 82  H HG23 . VAL A 1 5  ? -2.877  17.417  -7.873  1.00 0.00 ? 5  VAL A HG23 1 
ATOM 83  N N    . GLN A 1 6  ? -0.901  15.975  -12.158 1.00 0.00 ? 6  GLN A N    1 
ATOM 84  C CA   . GLN A 1 6  ? -1.227  14.986  -13.160 1.00 0.00 ? 6  GLN A CA   1 
ATOM 85  C C    . GLN A 1 6  ? -1.975  13.764  -12.653 1.00 0.00 ? 6  GLN A C    1 
ATOM 86  O O    . GLN A 1 6  ? -2.212  12.812  -13.400 1.00 0.00 ? 6  GLN A O    1 
ATOM 87  C CB   . GLN A 1 6  ? 0.053   14.585  -13.891 1.00 0.00 ? 6  GLN A CB   1 
ATOM 88  C CG   . GLN A 1 6  ? 0.517   15.706  -14.827 1.00 0.00 ? 6  GLN A CG   1 
ATOM 89  C CD   . GLN A 1 6  ? 1.847   15.447  -15.510 1.00 0.00 ? 6  GLN A CD   1 
ATOM 90  O OE1  . GLN A 1 6  ? 2.468   14.391  -15.422 1.00 0.00 ? 6  GLN A OE1  1 
ATOM 91  N NE2  . GLN A 1 6  ? 2.335   16.457  -16.249 1.00 0.00 ? 6  GLN A NE2  1 
ATOM 92  H H    . GLN A 1 6  ? 0.078   16.045  -11.891 1.00 0.00 ? 6  GLN A H    1 
ATOM 93  H HA   . GLN A 1 6  ? -1.892  15.449  -13.886 1.00 0.00 ? 6  GLN A HA   1 
ATOM 94  H HB2  . GLN A 1 6  ? 0.835   14.347  -13.171 1.00 0.00 ? 6  GLN A HB2  1 
ATOM 95  H HB3  . GLN A 1 6  ? -0.135  13.714  -14.512 1.00 0.00 ? 6  GLN A HB3  1 
ATOM 96  H HG2  . GLN A 1 6  ? -0.235  15.829  -15.602 1.00 0.00 ? 6  GLN A HG2  1 
ATOM 97  H HG3  . GLN A 1 6  ? 0.604   16.642  -14.267 1.00 0.00 ? 6  GLN A HG3  1 
ATOM 98  H HE21 . GLN A 1 6  ? 1.762   17.277  -16.345 1.00 0.00 ? 6  GLN A HE21 1 
ATOM 99  H HE22 . GLN A 1 6  ? 3.223   16.337  -16.731 1.00 0.00 ? 6  GLN A HE22 1 
ATOM 100 N N    . TYR A 1 7  ? -2.374  13.733  -11.373 1.00 0.00 ? 7  TYR A N    1 
ATOM 101 C CA   . TYR A 1 7  ? -2.777  12.537  -10.665 1.00 0.00 ? 7  TYR A CA   1 
ATOM 102 C C    . TYR A 1 7  ? -4.036  11.851  -11.178 1.00 0.00 ? 7  TYR A C    1 
ATOM 103 O O    . TYR A 1 7  ? -4.313  10.714  -10.791 1.00 0.00 ? 7  TYR A O    1 
ATOM 104 C CB   . TYR A 1 7  ? -2.989  12.888  -9.195  1.00 0.00 ? 7  TYR A CB   1 
ATOM 105 C CG   . TYR A 1 7  ? -1.890  13.641  -8.475  1.00 0.00 ? 7  TYR A CG   1 
ATOM 106 C CD1  . TYR A 1 7  ? -0.546  13.487  -8.827  1.00 0.00 ? 7  TYR A CD1  1 
ATOM 107 C CD2  . TYR A 1 7  ? -2.241  14.485  -7.417  1.00 0.00 ? 7  TYR A CD2  1 
ATOM 108 C CE1  . TYR A 1 7  ? 0.454   14.208  -8.160  1.00 0.00 ? 7  TYR A CE1  1 
ATOM 109 C CE2  . TYR A 1 7  ? -1.242  15.196  -6.719  1.00 0.00 ? 7  TYR A CE2  1 
ATOM 110 C CZ   . TYR A 1 7  ? 0.105   15.062  -7.101  1.00 0.00 ? 7  TYR A CZ   1 
ATOM 111 O OH   . TYR A 1 7  ? 1.060   15.777  -6.430  1.00 0.00 ? 7  TYR A OH   1 
ATOM 112 H H    . TYR A 1 7  ? -2.188  14.552  -10.813 1.00 0.00 ? 7  TYR A H    1 
ATOM 113 H HA   . TYR A 1 7  ? -1.980  11.800  -10.727 1.00 0.00 ? 7  TYR A HA   1 
ATOM 114 H HB2  . TYR A 1 7  ? -3.896  13.483  -9.124  1.00 0.00 ? 7  TYR A HB2  1 
ATOM 115 H HB3  . TYR A 1 7  ? -3.179  11.967  -8.641  1.00 0.00 ? 7  TYR A HB3  1 
ATOM 116 H HD1  . TYR A 1 7  ? -0.264  12.805  -9.616  1.00 0.00 ? 7  TYR A HD1  1 
ATOM 117 H HD2  . TYR A 1 7  ? -3.276  14.598  -7.132  1.00 0.00 ? 7  TYR A HD2  1 
ATOM 118 H HE1  . TYR A 1 7  ? 1.485   14.085  -8.454  1.00 0.00 ? 7  TYR A HE1  1 
ATOM 119 H HE2  . TYR A 1 7  ? -1.509  15.853  -5.912  1.00 0.00 ? 7  TYR A HE2  1 
ATOM 120 H HH   . TYR A 1 7  ? 1.937   15.652  -6.800  1.00 0.00 ? 7  TYR A HH   1 
ATOM 121 N N    . LEU A 1 8  ? -4.824  12.522  -12.021 1.00 0.00 ? 8  LEU A N    1 
ATOM 122 C CA   . LEU A 1 8  ? -6.049  12.024  -12.614 1.00 0.00 ? 8  LEU A CA   1 
ATOM 123 C C    . LEU A 1 8  ? -6.020  11.996  -14.134 1.00 0.00 ? 8  LEU A C    1 
ATOM 124 O O    . LEU A 1 8  ? -6.961  11.498  -14.742 1.00 0.00 ? 8  LEU A O    1 
ATOM 125 C CB   . LEU A 1 8  ? -7.221  12.838  -12.086 1.00 0.00 ? 8  LEU A CB   1 
ATOM 126 C CG   . LEU A 1 8  ? -7.430  12.800  -10.572 1.00 0.00 ? 8  LEU A CG   1 
ATOM 127 C CD1  . LEU A 1 8  ? -8.598  13.695  -10.183 1.00 0.00 ? 8  LEU A CD1  1 
ATOM 128 C CD2  . LEU A 1 8  ? -7.738  11.401  -10.047 1.00 0.00 ? 8  LEU A CD2  1 
ATOM 129 H H    . LEU A 1 8  ? -4.513  13.438  -12.284 1.00 0.00 ? 8  LEU A H    1 
ATOM 130 H HA   . LEU A 1 8  ? -6.187  10.978  -12.318 1.00 0.00 ? 8  LEU A HA   1 
ATOM 131 H HB2  . LEU A 1 8  ? -7.086  13.875  -12.392 1.00 0.00 ? 8  LEU A HB2  1 
ATOM 132 H HB3  . LEU A 1 8  ? -8.137  12.471  -12.554 1.00 0.00 ? 8  LEU A HB3  1 
ATOM 133 H HG   . LEU A 1 8  ? -6.540  13.176  -10.072 1.00 0.00 ? 8  LEU A HG   1 
ATOM 134 H HD11 . LEU A 1 8  ? -9.521  13.341  -10.650 1.00 0.00 ? 8  LEU A HD11 1 
ATOM 135 H HD12 . LEU A 1 8  ? -8.727  13.709  -9.107  1.00 0.00 ? 8  LEU A HD12 1 
ATOM 136 H HD13 . LEU A 1 8  ? -8.406  14.723  -10.524 1.00 0.00 ? 8  LEU A HD13 1 
ATOM 137 H HD21 . LEU A 1 8  ? -7.933  11.438  -8.975  1.00 0.00 ? 8  LEU A HD21 1 
ATOM 138 H HD22 . LEU A 1 8  ? -8.601  10.986  -10.560 1.00 0.00 ? 8  LEU A HD22 1 
ATOM 139 H HD23 . LEU A 1 8  ? -6.880  10.748  -10.203 1.00 0.00 ? 8  LEU A HD23 1 
ATOM 140 N N    . THR A 1 9  ? -4.963  12.523  -14.760 1.00 0.00 ? 9  THR A N    1 
ATOM 141 C CA   . THR A 1 9  ? -4.794  12.640  -16.188 1.00 0.00 ? 9  THR A CA   1 
ATOM 142 C C    . THR A 1 9  ? -3.763  11.650  -16.707 1.00 0.00 ? 9  THR A C    1 
ATOM 143 O O    . THR A 1 9  ? -4.003  10.949  -17.692 1.00 0.00 ? 9  THR A O    1 
ATOM 144 C CB   . THR A 1 9  ? -4.399  14.064  -16.571 1.00 0.00 ? 9  THR A CB   1 
ATOM 145 O OG1  . THR A 1 9  ? -3.310  14.483  -15.786 1.00 0.00 ? 9  THR A OG1  1 
ATOM 146 C CG2  . THR A 1 9  ? -5.544  15.044  -16.333 1.00 0.00 ? 9  THR A CG2  1 
ATOM 147 H H    . THR A 1 9  ? -4.201  12.879  -14.198 1.00 0.00 ? 9  THR A H    1 
ATOM 148 H HA   . THR A 1 9  ? -5.736  12.397  -16.701 1.00 0.00 ? 9  THR A HA   1 
ATOM 149 H HB   . THR A 1 9  ? -4.128  14.098  -17.628 1.00 0.00 ? 9  THR A HB   1 
ATOM 150 H HG1  . THR A 1 9  ? -3.148  15.406  -15.975 1.00 0.00 ? 9  THR A HG1  1 
ATOM 151 H HG21 . THR A 1 9  ? -5.771  15.111  -15.268 1.00 0.00 ? 9  THR A HG21 1 
ATOM 152 H HG22 . THR A 1 9  ? -5.251  16.028  -16.693 1.00 0.00 ? 9  THR A HG22 1 
ATOM 153 H HG23 . THR A 1 9  ? -6.434  14.710  -16.872 1.00 0.00 ? 9  THR A HG23 1 
ATOM 154 N N    . ARG A 1 10 ? -2.629  11.527  -16.015 1.00 0.00 ? 10 ARG A N    1 
ATOM 155 C CA   . ARG A 1 10 ? -1.582  10.556  -16.315 1.00 0.00 ? 10 ARG A CA   1 
ATOM 156 C C    . ARG A 1 10 ? -2.115  9.143   -16.221 1.00 0.00 ? 10 ARG A C    1 
ATOM 157 O O    . ARG A 1 10 ? -2.735  8.749   -15.229 1.00 0.00 ? 10 ARG A O    1 
ATOM 158 C CB   . ARG A 1 10 ? -0.396  10.809  -15.390 1.00 0.00 ? 10 ARG A CB   1 
ATOM 159 C CG   . ARG A 1 10 ? 0.768   9.863   -15.650 1.00 0.00 ? 10 ARG A CG   1 
ATOM 160 C CD   . ARG A 1 10 ? 1.943   10.149  -14.724 1.00 0.00 ? 10 ARG A CD   1 
ATOM 161 N NE   . ARG A 1 10 ? 2.699   11.338  -15.142 1.00 0.00 ? 10 ARG A NE   1 
ATOM 162 C CZ   . ARG A 1 10 ? 3.935   11.345  -15.642 1.00 0.00 ? 10 ARG A CZ   1 
ATOM 163 N NH1  . ARG A 1 10 ? 4.676   10.236  -15.776 1.00 0.00 ? 10 ARG A NH1  1 
ATOM 164 N NH2  . ARG A 1 10 ? 4.475   12.509  -16.021 1.00 0.00 ? 10 ARG A NH2  1 
ATOM 165 H H    . ARG A 1 10 ? -2.503  12.127  -15.213 1.00 0.00 ? 10 ARG A H    1 
ATOM 166 H HA   . ARG A 1 10 ? -1.260  10.732  -17.345 1.00 0.00 ? 10 ARG A HA   1 
ATOM 167 H HB2  . ARG A 1 10 ? -0.052  11.830  -15.544 1.00 0.00 ? 10 ARG A HB2  1 
ATOM 168 H HB3  . ARG A 1 10 ? -0.718  10.695  -14.350 1.00 0.00 ? 10 ARG A HB3  1 
ATOM 169 H HG2  . ARG A 1 10 ? 0.434   8.838   -15.476 1.00 0.00 ? 10 ARG A HG2  1 
ATOM 170 H HG3  . ARG A 1 10 ? 1.085   9.935   -16.691 1.00 0.00 ? 10 ARG A HG3  1 
ATOM 171 H HD2  . ARG A 1 10 ? 1.585   10.280  -13.706 1.00 0.00 ? 10 ARG A HD2  1 
ATOM 172 H HD3  . ARG A 1 10 ? 2.594   9.271   -14.726 1.00 0.00 ? 10 ARG A HD3  1 
ATOM 173 H HE   . ARG A 1 10 ? 2.243   12.237  -15.067 1.00 0.00 ? 10 ARG A HE   1 
ATOM 174 H HH11 . ARG A 1 10 ? 4.283   9.368   -15.435 1.00 0.00 ? 10 ARG A HH11 1 
ATOM 175 H HH12 . ARG A 1 10 ? 5.612   10.259  -16.139 1.00 0.00 ? 10 ARG A HH12 1 
ATOM 176 H HH21 . ARG A 1 10 ? 3.906   13.342  -15.898 1.00 0.00 ? 10 ARG A HH21 1 
ATOM 177 H HH22 . ARG A 1 10 ? 5.410   12.565  -16.404 1.00 0.00 ? 10 ARG A HH22 1 
ATOM 178 N N    . SER A 1 11 ? -1.870  8.364   -17.280 1.00 0.00 ? 11 SER A N    1 
ATOM 179 C CA   . SER A 1 11 ? -2.207  6.958   -17.384 1.00 0.00 ? 11 SER A CA   1 
ATOM 180 C C    . SER A 1 11 ? -3.650  6.596   -17.052 1.00 0.00 ? 11 SER A C    1 
ATOM 181 O O    . SER A 1 11 ? -3.920  5.458   -16.687 1.00 0.00 ? 11 SER A O    1 
ATOM 182 C CB   . SER A 1 11 ? -1.217  6.115   -16.581 1.00 0.00 ? 11 SER A CB   1 
ATOM 183 O OG   . SER A 1 11 ? 0.102   6.411   -16.984 1.00 0.00 ? 11 SER A OG   1 
ATOM 184 H H    . SER A 1 11 ? -1.301  8.758   -18.016 1.00 0.00 ? 11 SER A H    1 
ATOM 185 H HA   . SER A 1 11 ? -2.069  6.680   -18.425 1.00 0.00 ? 11 SER A HA   1 
ATOM 186 H HB2  . SER A 1 11 ? -1.337  6.346   -15.524 1.00 0.00 ? 11 SER A HB2  1 
ATOM 187 H HB3  . SER A 1 11 ? -1.402  5.057   -16.734 1.00 0.00 ? 11 SER A HB3  1 
ATOM 188 H HG   . SER A 1 11 ? 0.624   6.418   -16.177 1.00 0.00 ? 11 SER A HG   1 
ATOM 189 N N    . ALA A 1 12 ? -4.603  7.530   -17.204 1.00 0.00 ? 12 ALA A N    1 
ATOM 190 C CA   . ALA A 1 12 ? -5.952  7.402   -16.696 1.00 0.00 ? 12 ALA A CA   1 
ATOM 191 C C    . ALA A 1 12 ? -6.668  6.118   -17.096 1.00 0.00 ? 12 ALA A C    1 
ATOM 192 O O    . ALA A 1 12 ? -7.298  5.482   -16.258 1.00 0.00 ? 12 ALA A O    1 
ATOM 193 C CB   . ALA A 1 12 ? -6.731  8.645   -17.109 1.00 0.00 ? 12 ALA A CB   1 
ATOM 194 H H    . ALA A 1 12 ? -4.313  8.453   -17.485 1.00 0.00 ? 12 ALA A H    1 
ATOM 195 H HA   . ALA A 1 12 ? -5.894  7.397   -15.607 1.00 0.00 ? 12 ALA A HA   1 
ATOM 196 H HB1  . ALA A 1 12 ? -6.789  8.713   -18.197 1.00 0.00 ? 12 ALA A HB1  1 
ATOM 197 H HB2  . ALA A 1 12 ? -7.747  8.595   -16.708 1.00 0.00 ? 12 ALA A HB2  1 
ATOM 198 H HB3  . ALA A 1 12 ? -6.243  9.531   -16.725 1.00 0.00 ? 12 ALA A HB3  1 
ATOM 199 N N    . ILE A 1 13 ? -6.504  5.690   -18.353 1.00 0.00 ? 13 ILE A N    1 
ATOM 200 C CA   . ILE A 1 13 ? -7.074  4.481   -18.916 1.00 0.00 ? 13 ILE A CA   1 
ATOM 201 C C    . ILE A 1 13 ? -6.081  3.330   -19.042 1.00 0.00 ? 13 ILE A C    1 
ATOM 202 O O    . ILE A 1 13 ? -6.319  2.368   -19.760 1.00 0.00 ? 13 ILE A O    1 
ATOM 203 C CB   . ILE A 1 13 ? -7.834  4.843   -20.188 1.00 0.00 ? 13 ILE A CB   1 
ATOM 204 C CG1  . ILE A 1 13 ? -8.930  3.831   -20.520 1.00 0.00 ? 13 ILE A CG1  1 
ATOM 205 C CG2  . ILE A 1 13 ? -6.891  5.086   -21.371 1.00 0.00 ? 13 ILE A CG2  1 
ATOM 206 C CD1  . ILE A 1 13 ? -9.925  4.315   -21.569 1.00 0.00 ? 13 ILE A CD1  1 
ATOM 207 H H    . ILE A 1 13 ? -5.982  6.289   -18.971 1.00 0.00 ? 13 ILE A H    1 
ATOM 208 H HA   . ILE A 1 13 ? -7.822  4.126   -18.202 1.00 0.00 ? 13 ILE A HA   1 
ATOM 209 H HB   . ILE A 1 13 ? -8.350  5.785   -19.996 1.00 0.00 ? 13 ILE A HB   1 
ATOM 210 H HG12 . ILE A 1 13 ? -8.493  2.892   -20.885 1.00 0.00 ? 13 ILE A HG12 1 
ATOM 211 H HG13 . ILE A 1 13 ? -9.491  3.606   -19.610 1.00 0.00 ? 13 ILE A HG13 1 
ATOM 212 H HG21 . ILE A 1 13 ? -6.098  5.775   -21.088 1.00 0.00 ? 13 ILE A HG21 1 
ATOM 213 H HG22 . ILE A 1 13 ? -6.462  4.149   -21.716 1.00 0.00 ? 13 ILE A HG22 1 
ATOM 214 H HG23 . ILE A 1 13 ? -7.445  5.532   -22.198 1.00 0.00 ? 13 ILE A HG23 1 
ATOM 215 H HD11 . ILE A 1 13 ? -9.445  4.440   -22.532 1.00 0.00 ? 13 ILE A HD11 1 
ATOM 216 H HD12 . ILE A 1 13 ? -10.726 3.588   -21.671 1.00 0.00 ? 13 ILE A HD12 1 
ATOM 217 H HD13 . ILE A 1 13 ? -10.364 5.265   -21.253 1.00 0.00 ? 13 ILE A HD13 1 
ATOM 218 N N    . ARG A 1 14 ? -4.934  3.413   -18.368 1.00 0.00 ? 14 ARG A N    1 
ATOM 219 C CA   . ARG A 1 14 ? -3.866  2.428   -18.398 1.00 0.00 ? 14 ARG A CA   1 
ATOM 220 C C    . ARG A 1 14 ? -3.425  1.909   -17.040 1.00 0.00 ? 14 ARG A C    1 
ATOM 221 O O    . ARG A 1 14 ? -3.039  0.751   -16.953 1.00 0.00 ? 14 ARG A O    1 
ATOM 222 C CB   . ARG A 1 14 ? -2.665  2.981   -19.158 1.00 0.00 ? 14 ARG A CB   1 
ATOM 223 C CG   . ARG A 1 14 ? -2.865  2.997   -20.675 1.00 0.00 ? 14 ARG A CG   1 
ATOM 224 C CD   . ARG A 1 14 ? -1.594  3.485   -21.362 1.00 0.00 ? 14 ARG A CD   1 
ATOM 225 N NE   . ARG A 1 14 ? -1.696  3.426   -22.819 1.00 0.00 ? 14 ARG A NE   1 
ATOM 226 C CZ   . ARG A 1 14 ? -1.272  2.445   -23.626 1.00 0.00 ? 14 ARG A CZ   1 
ATOM 227 N NH1  . ARG A 1 14 ? -0.723  1.321   -23.151 1.00 0.00 ? 14 ARG A NH1  1 
ATOM 228 N NH2  . ARG A 1 14 ? -1.377  2.568   -24.950 1.00 0.00 ? 14 ARG A NH2  1 
ATOM 229 H H    . ARG A 1 14 ? -4.808  4.232   -17.783 1.00 0.00 ? 14 ARG A H    1 
ATOM 230 H HA   . ARG A 1 14 ? -4.221  1.539   -18.924 1.00 0.00 ? 14 ARG A HA   1 
ATOM 231 H HB2  . ARG A 1 14 ? -2.437  3.984   -18.800 1.00 0.00 ? 14 ARG A HB2  1 
ATOM 232 H HB3  . ARG A 1 14 ? -1.810  2.342   -18.952 1.00 0.00 ? 14 ARG A HB3  1 
ATOM 233 H HG2  . ARG A 1 14 ? -3.102  1.996   -21.023 1.00 0.00 ? 14 ARG A HG2  1 
ATOM 234 H HG3  . ARG A 1 14 ? -3.693  3.667   -20.933 1.00 0.00 ? 14 ARG A HG3  1 
ATOM 235 H HD2  . ARG A 1 14 ? -1.405  4.511   -21.060 1.00 0.00 ? 14 ARG A HD2  1 
ATOM 236 H HD3  . ARG A 1 14 ? -0.743  2.892   -21.025 1.00 0.00 ? 14 ARG A HD3  1 
ATOM 237 H HE   . ARG A 1 14 ? -2.107  4.231   -23.272 1.00 0.00 ? 14 ARG A HE   1 
ATOM 238 H HH11 . ARG A 1 14 ? -0.632  1.188   -22.158 1.00 0.00 ? 14 ARG A HH11 1 
ATOM 239 H HH12 . ARG A 1 14 ? -0.407  0.599   -23.784 1.00 0.00 ? 14 ARG A HH12 1 
ATOM 240 H HH21 . ARG A 1 14 ? -1.777  3.391   -25.363 1.00 0.00 ? 14 ARG A HH21 1 
ATOM 241 H HH22 . ARG A 1 14 ? -1.046  1.820   -25.554 1.00 0.00 ? 14 ARG A HH22 1 
ATOM 242 N N    . ARG A 1 15 ? -3.481  2.720   -15.988 1.00 0.00 ? 15 ARG A N    1 
ATOM 243 C CA   . ARG A 1 15 ? -2.933  2.408   -14.686 1.00 0.00 ? 15 ARG A CA   1 
ATOM 244 C C    . ARG A 1 15 ? -3.684  1.327   -13.905 1.00 0.00 ? 15 ARG A C    1 
ATOM 245 O O    . ARG A 1 15 ? -3.132  0.778   -12.959 1.00 0.00 ? 15 ARG A O    1 
ATOM 246 C CB   . ARG A 1 15 ? -2.783  3.685   -13.864 1.00 0.00 ? 15 ARG A CB   1 
ATOM 247 C CG   . ARG A 1 15 ? -4.114  4.308   -13.456 1.00 0.00 ? 15 ARG A CG   1 
ATOM 248 C CD   . ARG A 1 15 ? -3.942  5.536   -12.577 1.00 0.00 ? 15 ARG A CD   1 
ATOM 249 N NE   . ARG A 1 15 ? -5.234  6.094   -12.193 1.00 0.00 ? 15 ARG A NE   1 
ATOM 250 C CZ   . ARG A 1 15 ? -6.163  5.473   -11.449 1.00 0.00 ? 15 ARG A CZ   1 
ATOM 251 N NH1  . ARG A 1 15 ? -5.927  4.360   -10.745 1.00 0.00 ? 15 ARG A NH1  1 
ATOM 252 N NH2  . ARG A 1 15 ? -7.416  5.960   -11.410 1.00 0.00 ? 15 ARG A NH2  1 
ATOM 253 H H    . ARG A 1 15 ? -3.771  3.678   -16.147 1.00 0.00 ? 15 ARG A H    1 
ATOM 254 H HA   . ARG A 1 15 ? -1.933  1.992   -14.830 1.00 0.00 ? 15 ARG A HA   1 
ATOM 255 H HB2  . ARG A 1 15 ? -2.214  3.456   -12.965 1.00 0.00 ? 15 ARG A HB2  1 
ATOM 256 H HB3  . ARG A 1 15 ? -2.204  4.413   -14.436 1.00 0.00 ? 15 ARG A HB3  1 
ATOM 257 H HG2  . ARG A 1 15 ? -4.679  4.578   -14.345 1.00 0.00 ? 15 ARG A HG2  1 
ATOM 258 H HG3  . ARG A 1 15 ? -4.692  3.558   -12.905 1.00 0.00 ? 15 ARG A HG3  1 
ATOM 259 H HD2  . ARG A 1 15 ? -3.351  5.289   -11.699 1.00 0.00 ? 15 ARG A HD2  1 
ATOM 260 H HD3  . ARG A 1 15 ? -3.385  6.293   -13.145 1.00 0.00 ? 15 ARG A HD3  1 
ATOM 261 H HE   . ARG A 1 15 ? -5.490  6.974   -12.617 1.00 0.00 ? 15 ARG A HE   1 
ATOM 262 H HH11 . ARG A 1 15 ? -4.984  3.976   -10.724 1.00 0.00 ? 15 ARG A HH11 1 
ATOM 263 H HH12 . ARG A 1 15 ? -6.666  3.756   -10.409 1.00 0.00 ? 15 ARG A HH12 1 
ATOM 264 H HH21 . ARG A 1 15 ? -7.667  6.763   -11.967 1.00 0.00 ? 15 ARG A HH21 1 
ATOM 265 H HH22 . ARG A 1 15 ? -8.112  5.460   -10.866 1.00 0.00 ? 15 ARG A HH22 1 
ATOM 266 N N    . ALA A 1 16 ? -4.940  1.053   -14.261 1.00 0.00 ? 16 ALA A N    1 
ATOM 267 C CA   . ALA A 1 16 ? -5.837  0.157   -13.555 1.00 0.00 ? 16 ALA A CA   1 
ATOM 268 C C    . ALA A 1 16 ? -5.813  0.379   -12.057 1.00 0.00 ? 16 ALA A C    1 
ATOM 269 O O    . ALA A 1 16 ? -6.151  1.465   -11.587 1.00 0.00 ? 16 ALA A O    1 
ATOM 270 C CB   . ALA A 1 16 ? -5.593  -1.266  -14.042 1.00 0.00 ? 16 ALA A CB   1 
ATOM 271 H H    . ALA A 1 16 ? -5.302  1.532   -15.074 1.00 0.00 ? 16 ALA A H    1 
ATOM 272 H HA   . ALA A 1 16 ? -6.848  0.414   -13.863 1.00 0.00 ? 16 ALA A HA   1 
ATOM 273 H HB1  . ALA A 1 16 ? -4.575  -1.589  -13.785 1.00 0.00 ? 16 ALA A HB1  1 
ATOM 274 H HB2  . ALA A 1 16 ? -6.314  -1.950  -13.578 1.00 0.00 ? 16 ALA A HB2  1 
ATOM 275 H HB3  . ALA A 1 16 ? -5.712  -1.325  -15.116 1.00 0.00 ? 16 ALA A HB3  1 
ATOM 276 N N    . SER A 1 17 ? -5.408  -0.630  -11.276 1.00 0.00 ? 17 SER A N    1 
ATOM 277 C CA   . SER A 1 17 ? -5.373  -0.613  -9.823  1.00 0.00 ? 17 SER A CA   1 
ATOM 278 C C    . SER A 1 17 ? -4.163  0.058   -9.216  1.00 0.00 ? 17 SER A C    1 
ATOM 279 O O    . SER A 1 17 ? -4.027  0.060   -7.993  1.00 0.00 ? 17 SER A O    1 
ATOM 280 C CB   . SER A 1 17 ? -5.531  -2.039  -9.291  1.00 0.00 ? 17 SER A CB   1 
ATOM 281 O OG   . SER A 1 17 ? -6.665  -2.652  -9.864  1.00 0.00 ? 17 SER A OG   1 
ATOM 282 H H    . SER A 1 17 ? -5.191  -1.507  -11.722 1.00 0.00 ? 17 SER A H    1 
ATOM 283 H HA   . SER A 1 17 ? -6.245  -0.057  -9.476  1.00 0.00 ? 17 SER A HA   1 
ATOM 284 H HB2  . SER A 1 17 ? -4.637  -2.622  -9.540  1.00 0.00 ? 17 SER A HB2  1 
ATOM 285 H HB3  . SER A 1 17 ? -5.643  -2.011  -8.207  1.00 0.00 ? 17 SER A HB3  1 
ATOM 286 H HG   . SER A 1 17 ? -6.833  -3.475  -9.411  1.00 0.00 ? 17 SER A HG   1 
ATOM 287 N N    . THR A 1 18 ? -3.270  0.650   -10.007 1.00 0.00 ? 18 THR A N    1 
ATOM 288 C CA   . THR A 1 18 ? -2.134  1.428   -9.552  1.00 0.00 ? 18 THR A CA   1 
ATOM 289 C C    . THR A 1 18 ? -2.420  2.923   -9.552  1.00 0.00 ? 18 THR A C    1 
ATOM 290 O O    . THR A 1 18 ? -3.402  3.355   -10.161 1.00 0.00 ? 18 THR A O    1 
ATOM 291 C CB   . THR A 1 18 ? -0.861  1.114   -10.332 1.00 0.00 ? 18 THR A CB   1 
ATOM 292 O OG1  . THR A 1 18 ? -0.938  1.608   -11.652 1.00 0.00 ? 18 THR A OG1  1 
ATOM 293 C CG2  . THR A 1 18 ? -0.550  -0.380  -10.414 1.00 0.00 ? 18 THR A CG2  1 
ATOM 294 H H    . THR A 1 18 ? -3.440  0.640   -11.006 1.00 0.00 ? 18 THR A H    1 
ATOM 295 H HA   . THR A 1 18 ? -1.923  1.160   -8.511  1.00 0.00 ? 18 THR A HA   1 
ATOM 296 H HB   . THR A 1 18 ? -0.019  1.600   -9.836  1.00 0.00 ? 18 THR A HB   1 
ATOM 297 H HG1  . THR A 1 18 ? -1.634  1.136   -12.111 1.00 0.00 ? 18 THR A HG1  1 
ATOM 298 H HG21 . THR A 1 18 ? -1.304  -0.896  -10.999 1.00 0.00 ? 18 THR A HG21 1 
ATOM 299 H HG22 . THR A 1 18 ? 0.428   -0.519  -10.894 1.00 0.00 ? 18 THR A HG22 1 
ATOM 300 H HG23 . THR A 1 18 ? -0.511  -0.802  -9.411  1.00 0.00 ? 18 THR A HG23 1 
ATOM 301 N N    . ILE A 1 19 ? -1.615  3.729   -8.876  1.00 0.00 ? 19 ILE A N    1 
ATOM 302 C CA   . ILE A 1 19 ? -1.804  5.162   -8.735  1.00 0.00 ? 19 ILE A CA   1 
ATOM 303 C C    . ILE A 1 19 ? -0.571  5.962   -9.121  1.00 0.00 ? 19 ILE A C    1 
ATOM 304 O O    . ILE A 1 19 ? 0.562   5.592   -8.815  1.00 0.00 ? 19 ILE A O    1 
ATOM 305 C CB   . ILE A 1 19 ? -2.307  5.546   -7.339  1.00 0.00 ? 19 ILE A CB   1 
ATOM 306 C CG1  . ILE A 1 19 ? -1.454  4.994   -6.209  1.00 0.00 ? 19 ILE A CG1  1 
ATOM 307 C CG2  . ILE A 1 19 ? -3.770  5.145   -7.197  1.00 0.00 ? 19 ILE A CG2  1 
ATOM 308 C CD1  . ILE A 1 19 ? -1.802  5.567   -4.833  1.00 0.00 ? 19 ILE A CD1  1 
ATOM 309 H H    . ILE A 1 19 ? -0.783  3.343   -8.463  1.00 0.00 ? 19 ILE A H    1 
ATOM 310 H HA   . ILE A 1 19 ? -2.571  5.470   -9.435  1.00 0.00 ? 19 ILE A HA   1 
ATOM 311 H HB   . ILE A 1 19 ? -2.268  6.640   -7.284  1.00 0.00 ? 19 ILE A HB   1 
ATOM 312 H HG12 . ILE A 1 19 ? -1.544  3.908   -6.158  1.00 0.00 ? 19 ILE A HG12 1 
ATOM 313 H HG13 . ILE A 1 19 ? -0.398  5.233   -6.398  1.00 0.00 ? 19 ILE A HG13 1 
ATOM 314 H HG21 . ILE A 1 19 ? -3.861  4.060   -7.157  1.00 0.00 ? 19 ILE A HG21 1 
ATOM 315 H HG22 . ILE A 1 19 ? -4.187  5.579   -6.290  1.00 0.00 ? 19 ILE A HG22 1 
ATOM 316 H HG23 . ILE A 1 19 ? -4.350  5.516   -8.043  1.00 0.00 ? 19 ILE A HG23 1 
ATOM 317 H HD11 . ILE A 1 19 ? -1.072  5.200   -4.100  1.00 0.00 ? 19 ILE A HD11 1 
ATOM 318 H HD12 . ILE A 1 19 ? -1.741  6.653   -4.860  1.00 0.00 ? 19 ILE A HD12 1 
ATOM 319 H HD13 . ILE A 1 19 ? -2.795  5.257   -4.520  1.00 0.00 ? 19 ILE A HD13 1 
ATOM 320 N N    . GLU A 1 20 ? -0.806  7.095   -9.784  1.00 0.00 ? 20 GLU A N    1 
ATOM 321 C CA   . GLU A 1 20 ? 0.195   7.979   -10.349 1.00 0.00 ? 20 GLU A CA   1 
ATOM 322 C C    . GLU A 1 20 ? 0.395   9.188   -9.444  1.00 0.00 ? 20 GLU A C    1 
ATOM 323 O O    . GLU A 1 20 ? -0.009  10.297  -9.771  1.00 0.00 ? 20 GLU A O    1 
ATOM 324 C CB   . GLU A 1 20 ? -0.267  8.357   -11.759 1.00 0.00 ? 20 GLU A CB   1 
ATOM 325 C CG   . GLU A 1 20 ? -0.189  7.213   -12.758 1.00 0.00 ? 20 GLU A CG   1 
ATOM 326 C CD   . GLU A 1 20 ? 1.148   7.110   -13.470 1.00 0.00 ? 20 GLU A CD   1 
ATOM 327 O OE1  . GLU A 1 20 ? 2.154   7.637   -12.947 1.00 0.00 ? 20 GLU A OE1  1 
ATOM 328 O OE2  . GLU A 1 20 ? 1.158   6.598   -14.614 1.00 0.00 ? 20 GLU A OE2  1 
ATOM 329 H H    . GLU A 1 20 ? -1.761  7.334   -9.978  1.00 0.00 ? 20 GLU A H    1 
ATOM 330 H HA   . GLU A 1 20 ? 1.151   7.473   -10.432 1.00 0.00 ? 20 GLU A HA   1 
ATOM 331 H HB2  . GLU A 1 20 ? -1.307  8.680   -11.702 1.00 0.00 ? 20 GLU A HB2  1 
ATOM 332 H HB3  . GLU A 1 20 ? 0.308   9.205   -12.126 1.00 0.00 ? 20 GLU A HB3  1 
ATOM 333 H HG2  . GLU A 1 20 ? -0.418  6.262   -12.282 1.00 0.00 ? 20 GLU A HG2  1 
ATOM 334 H HG3  . GLU A 1 20 ? -0.966  7.376   -13.511 1.00 0.00 ? 20 GLU A HG3  1 
ATOM 335 N N    . MET A 1 21 ? 0.899   8.963   -8.226  1.00 0.00 ? 21 MET A N    1 
ATOM 336 C CA   . MET A 1 21 ? 0.920   9.938   -7.158  1.00 0.00 ? 21 MET A CA   1 
ATOM 337 C C    . MET A 1 21 ? 2.157   9.846   -6.274  1.00 0.00 ? 21 MET A C    1 
ATOM 338 O O    . MET A 1 21 ? 2.678   8.750   -6.088  1.00 0.00 ? 21 MET A O    1 
ATOM 339 C CB   . MET A 1 21 ? -0.296  9.750   -6.261  1.00 0.00 ? 21 MET A CB   1 
ATOM 340 C CG   . MET A 1 21 ? -1.637  9.899   -6.994  1.00 0.00 ? 21 MET A CG   1 
ATOM 341 S SD   . MET A 1 21 ? -3.059  10.014  -5.882  1.00 0.00 ? 21 MET A SD   1 
ATOM 342 C CE   . MET A 1 21 ? -4.385  9.563   -7.029  1.00 0.00 ? 21 MET A CE   1 
ATOM 343 H H    . MET A 1 21 ? 1.246   8.040   -8.022  1.00 0.00 ? 21 MET A H    1 
ATOM 344 H HA   . MET A 1 21 ? 0.881   10.936  -7.600  1.00 0.00 ? 21 MET A HA   1 
ATOM 345 H HB2  . MET A 1 21 ? -0.262  8.765   -5.798  1.00 0.00 ? 21 MET A HB2  1 
ATOM 346 H HB3  . MET A 1 21 ? -0.270  10.499  -5.468  1.00 0.00 ? 21 MET A HB3  1 
ATOM 347 H HG2  . MET A 1 21 ? -1.595  10.804  -7.604  1.00 0.00 ? 21 MET A HG2  1 
ATOM 348 H HG3  . MET A 1 21 ? -1.771  9.041   -7.649  1.00 0.00 ? 21 MET A HG3  1 
ATOM 349 H HE1  . MET A 1 21 ? -5.339  9.600   -6.513  1.00 0.00 ? 21 MET A HE1  1 
ATOM 350 H HE2  . MET A 1 21 ? -4.403  10.254  -7.869  1.00 0.00 ? 21 MET A HE2  1 
ATOM 351 H HE3  . MET A 1 21 ? -4.214  8.554   -7.402  1.00 0.00 ? 21 MET A HE3  1 
ATOM 352 N N    . PRO A 1 22 ? 2.578   10.936  -5.630  1.00 0.00 ? 22 PRO A N    1 
ATOM 353 C CA   . PRO A 1 22 ? 3.593   10.899  -4.596  1.00 0.00 ? 22 PRO A CA   1 
ATOM 354 C C    . PRO A 1 22 ? 3.112   10.347  -3.258  1.00 0.00 ? 22 PRO A C    1 
ATOM 355 O O    . PRO A 1 22 ? 3.855   10.367  -2.278  1.00 0.00 ? 22 PRO A O    1 
ATOM 356 C CB   . PRO A 1 22 ? 4.054   12.349  -4.461  1.00 0.00 ? 22 PRO A CB   1 
ATOM 357 C CG   . PRO A 1 22 ? 2.776   13.135  -4.738  1.00 0.00 ? 22 PRO A CG   1 
ATOM 358 C CD   . PRO A 1 22 ? 2.124   12.305  -5.828  1.00 0.00 ? 22 PRO A CD   1 
ATOM 359 H HA   . PRO A 1 22 ? 4.442   10.298  -4.921  1.00 0.00 ? 22 PRO A HA   1 
ATOM 360 H HB2  . PRO A 1 22 ? 4.458   12.586  -3.469  1.00 0.00 ? 22 PRO A HB2  1 
ATOM 361 H HB3  . PRO A 1 22 ? 4.789   12.581  -5.225  1.00 0.00 ? 22 PRO A HB3  1 
ATOM 362 H HG2  . PRO A 1 22 ? 2.141   13.135  -3.848  1.00 0.00 ? 22 PRO A HG2  1 
ATOM 363 H HG3  . PRO A 1 22 ? 2.976   14.151  -5.069  1.00 0.00 ? 22 PRO A HG3  1 
ATOM 364 H HD2  . PRO A 1 22 ? 1.044   12.378  -5.773  1.00 0.00 ? 22 PRO A HD2  1 
ATOM 365 H HD3  . PRO A 1 22 ? 2.482   12.639  -6.808  1.00 0.00 ? 22 PRO A HD3  1 
ATOM 366 N N    . GLN A 1 23 ? 1.871   9.862   -3.166  1.00 0.00 ? 23 GLN A N    1 
ATOM 367 C CA   . GLN A 1 23 ? 1.307   9.263   -1.982  1.00 0.00 ? 23 GLN A CA   1 
ATOM 368 C C    . GLN A 1 23 ? 1.089   7.773   -2.209  1.00 0.00 ? 23 GLN A C    1 
ATOM 369 O O    . GLN A 1 23 ? 0.300   7.392   -3.080  1.00 0.00 ? 23 GLN A O    1 
ATOM 370 C CB   . GLN A 1 23 ? 0.010   9.959   -1.585  1.00 0.00 ? 23 GLN A CB   1 
ATOM 371 C CG   . GLN A 1 23 ? 0.274   11.374  -1.063  1.00 0.00 ? 23 GLN A CG   1 
ATOM 372 C CD   . GLN A 1 23 ? -0.961  12.052  -0.491  1.00 0.00 ? 23 GLN A CD   1 
ATOM 373 O OE1  . GLN A 1 23 ? -2.110  11.681  -0.728  1.00 0.00 ? 23 GLN A OE1  1 
ATOM 374 N NE2  . GLN A 1 23 ? -0.785  13.130  0.284   1.00 0.00 ? 23 GLN A NE2  1 
ATOM 375 H H    . GLN A 1 23 ? 1.339   9.775   -4.025  1.00 0.00 ? 23 GLN A H    1 
ATOM 376 H HA   . GLN A 1 23 ? 1.999   9.360   -1.148  1.00 0.00 ? 23 GLN A HA   1 
ATOM 377 H HB2  . GLN A 1 23 ? -0.668  10.005  -2.439  1.00 0.00 ? 23 GLN A HB2  1 
ATOM 378 H HB3  . GLN A 1 23 ? -0.465  9.388   -0.791  1.00 0.00 ? 23 GLN A HB3  1 
ATOM 379 H HG2  . GLN A 1 23 ? 1.017   11.318  -0.266  1.00 0.00 ? 23 GLN A HG2  1 
ATOM 380 H HG3  . GLN A 1 23 ? 0.668   11.993  -1.860  1.00 0.00 ? 23 GLN A HG3  1 
ATOM 381 H HE21 . GLN A 1 23 ? 0.145   13.448  0.510   1.00 0.00 ? 23 GLN A HE21 1 
ATOM 382 H HE22 . GLN A 1 23 ? -1.602  13.552  0.695   1.00 0.00 ? 23 GLN A HE22 1 
ATOM 383 N N    . GLN A 1 24 ? 1.764   6.939   -1.418  1.00 0.00 ? 24 GLN A N    1 
ATOM 384 C CA   . GLN A 1 24 ? 1.822   5.496   -1.568  1.00 0.00 ? 24 GLN A CA   1 
ATOM 385 C C    . GLN A 1 24 ? 0.471   4.806   -1.472  1.00 0.00 ? 24 GLN A C    1 
ATOM 386 O O    . GLN A 1 24 ? 0.258   3.763   -2.083  1.00 0.00 ? 24 GLN A O    1 
ATOM 387 C CB   . GLN A 1 24 ? 2.765   4.946   -0.506  1.00 0.00 ? 24 GLN A CB   1 
ATOM 388 C CG   . GLN A 1 24 ? 4.227   5.377   -0.648  1.00 0.00 ? 24 GLN A CG   1 
ATOM 389 C CD   . GLN A 1 24 ? 4.947   4.756   -1.836  1.00 0.00 ? 24 GLN A CD   1 
ATOM 390 O OE1  . GLN A 1 24 ? 4.407   3.988   -2.625  1.00 0.00 ? 24 GLN A OE1  1 
ATOM 391 N NE2  . GLN A 1 24 ? 6.230   5.078   -2.034  1.00 0.00 ? 24 GLN A NE2  1 
ATOM 392 H H    . GLN A 1 24 ? 2.396   7.350   -0.754  1.00 0.00 ? 24 GLN A H    1 
ATOM 393 H HA   . GLN A 1 24 ? 2.225   5.267   -2.561  1.00 0.00 ? 24 GLN A HA   1 
ATOM 394 H HB2  . GLN A 1 24 ? 2.412   5.264   0.474   1.00 0.00 ? 24 GLN A HB2  1 
ATOM 395 H HB3  . GLN A 1 24 ? 2.728   3.852   -0.531  1.00 0.00 ? 24 GLN A HB3  1 
ATOM 396 H HG2  . GLN A 1 24 ? 4.294   6.460   -0.715  1.00 0.00 ? 24 GLN A HG2  1 
ATOM 397 H HG3  . GLN A 1 24 ? 4.758   5.066   0.254   1.00 0.00 ? 24 GLN A HG3  1 
ATOM 398 H HE21 . GLN A 1 24 ? 6.718   5.704   -1.413  1.00 0.00 ? 24 GLN A HE21 1 
ATOM 399 H HE22 . GLN A 1 24 ? 6.676   4.637   -2.823  1.00 0.00 ? 24 GLN A HE22 1 
ATOM 400 N N    . ALA A 1 25 ? -0.477  5.370   -0.716  1.00 0.00 ? 25 ALA A N    1 
ATOM 401 C CA   . ALA A 1 25 ? -1.815  4.835   -0.567  1.00 0.00 ? 25 ALA A CA   1 
ATOM 402 C C    . ALA A 1 25 ? -2.874  5.922   -0.586  1.00 0.00 ? 25 ALA A C    1 
ATOM 403 O O    . ALA A 1 25 ? -2.663  7.026   -0.094  1.00 0.00 ? 25 ALA A O    1 
ATOM 404 C CB   . ALA A 1 25 ? -1.881  3.988   0.700   1.00 0.00 ? 25 ALA A CB   1 
ATOM 405 H H    . ALA A 1 25 ? -0.272  6.245   -0.268  1.00 0.00 ? 25 ALA A H    1 
ATOM 406 H HA   . ALA A 1 25 ? -2.017  4.175   -1.414  1.00 0.00 ? 25 ALA A HA   1 
ATOM 407 H HB1  . ALA A 1 25 ? -2.880  3.561   0.800   1.00 0.00 ? 25 ALA A HB1  1 
ATOM 408 H HB2  . ALA A 1 25 ? -1.165  3.171   0.633   1.00 0.00 ? 25 ALA A HB2  1 
ATOM 409 H HB3  . ALA A 1 25 ? -1.651  4.596   1.573   1.00 0.00 ? 25 ALA A HB3  1 
ATOM 410 N N    . ARG A 1 26 ? -4.040  5.593   -1.152  1.00 0.00 ? 26 ARG A N    1 
ATOM 411 C CA   . ARG A 1 26 ? -5.213  6.422   -1.255  1.00 0.00 ? 26 ARG A CA   1 
ATOM 412 C C    . ARG A 1 26 ? -6.532  5.691   -1.011  1.00 0.00 ? 26 ARG A C    1 
ATOM 413 O O    . ARG A 1 26 ? -7.552  6.355   -0.921  1.00 0.00 ? 26 ARG A O    1 
ATOM 414 C CB   . ARG A 1 26 ? -5.238  7.087   -2.628  1.00 0.00 ? 26 ARG A CB   1 
ATOM 415 C CG   . ARG A 1 26 ? -4.177  8.156   -2.874  1.00 0.00 ? 26 ARG A CG   1 
ATOM 416 C CD   . ARG A 1 26 ? -4.208  9.357   -1.918  1.00 0.00 ? 26 ARG A CD   1 
ATOM 417 N NE   . ARG A 1 26 ? -5.516  9.990   -1.862  1.00 0.00 ? 26 ARG A NE   1 
ATOM 418 C CZ   . ARG A 1 26 ? -5.802  11.165  -1.285  1.00 0.00 ? 26 ARG A CZ   1 
ATOM 419 N NH1  . ARG A 1 26 ? -4.869  11.939  -0.711  1.00 0.00 ? 26 ARG A NH1  1 
ATOM 420 N NH2  . ARG A 1 26 ? -7.067  11.615  -1.256  1.00 0.00 ? 26 ARG A NH2  1 
ATOM 421 H H    . ARG A 1 26 ? -4.067  4.671   -1.566  1.00 0.00 ? 26 ARG A H    1 
ATOM 422 H HA   . ARG A 1 26 ? -5.171  7.197   -0.483  1.00 0.00 ? 26 ARG A HA   1 
ATOM 423 H HB2  . ARG A 1 26 ? -5.141  6.319   -3.393  1.00 0.00 ? 26 ARG A HB2  1 
ATOM 424 H HB3  . ARG A 1 26 ? -6.218  7.556   -2.784  1.00 0.00 ? 26 ARG A HB3  1 
ATOM 425 H HG2  . ARG A 1 26 ? -3.191  7.704   -2.828  1.00 0.00 ? 26 ARG A HG2  1 
ATOM 426 H HG3  . ARG A 1 26 ? -4.317  8.527   -3.879  1.00 0.00 ? 26 ARG A HG3  1 
ATOM 427 H HD2  . ARG A 1 26 ? -3.917  9.031   -0.924  1.00 0.00 ? 26 ARG A HD2  1 
ATOM 428 H HD3  . ARG A 1 26 ? -3.463  10.075  -2.262  1.00 0.00 ? 26 ARG A HD3  1 
ATOM 429 H HE   . ARG A 1 26 ? -6.294  9.473   -2.244  1.00 0.00 ? 26 ARG A HE   1 
ATOM 430 H HH11 . ARG A 1 26 ? -3.900  11.650  -0.752  1.00 0.00 ? 26 ARG A HH11 1 
ATOM 431 H HH12 . ARG A 1 26 ? -5.098  12.810  -0.265  1.00 0.00 ? 26 ARG A HH12 1 
ATOM 432 H HH21 . ARG A 1 26 ? -7.808  11.054  -1.642  1.00 0.00 ? 26 ARG A HH21 1 
ATOM 433 H HH22 . ARG A 1 26 ? -7.272  12.499  -0.802  1.00 0.00 ? 26 ARG A HH22 1 
ATOM 434 N N    . GLN A 1 27 ? -6.530  4.364   -0.923  1.00 0.00 ? 27 GLN A N    1 
ATOM 435 C CA   . GLN A 1 27 ? -7.710  3.546   -0.693  1.00 0.00 ? 27 GLN A CA   1 
ATOM 436 C C    . GLN A 1 27 ? -7.495  2.540   0.427   1.00 0.00 ? 27 GLN A C    1 
ATOM 437 O O    . GLN A 1 27 ? -6.399  2.002   0.582   1.00 0.00 ? 27 GLN A O    1 
ATOM 438 C CB   . GLN A 1 27 ? -8.128  2.837   -1.973  1.00 0.00 ? 27 GLN A CB   1 
ATOM 439 C CG   . GLN A 1 27 ? -8.618  3.806   -3.058  1.00 0.00 ? 27 GLN A CG   1 
ATOM 440 C CD   . GLN A 1 27 ? -9.212  3.081   -4.253  1.00 0.00 ? 27 GLN A CD   1 
ATOM 441 O OE1  . GLN A 1 27 ? -9.027  1.880   -4.460  1.00 0.00 ? 27 GLN A OE1  1 
ATOM 442 N NE2  . GLN A 1 27 ? -9.964  3.772   -5.119  1.00 0.00 ? 27 GLN A NE2  1 
ATOM 443 H H    . GLN A 1 27 ? -5.660  3.865   -1.049  1.00 0.00 ? 27 GLN A H    1 
ATOM 444 H HA   . GLN A 1 27 ? -8.535  4.191   -0.378  1.00 0.00 ? 27 GLN A HA   1 
ATOM 445 H HB2  . GLN A 1 27 ? -7.297  2.262   -2.357  1.00 0.00 ? 27 GLN A HB2  1 
ATOM 446 H HB3  . GLN A 1 27 ? -8.944  2.161   -1.741  1.00 0.00 ? 27 GLN A HB3  1 
ATOM 447 H HG2  . GLN A 1 27 ? -9.379  4.452   -2.639  1.00 0.00 ? 27 GLN A HG2  1 
ATOM 448 H HG3  . GLN A 1 27 ? -7.789  4.423   -3.402  1.00 0.00 ? 27 GLN A HG3  1 
ATOM 449 H HE21 . GLN A 1 27 ? -10.177 4.740   -4.953  1.00 0.00 ? 27 GLN A HE21 1 
ATOM 450 H HE22 . GLN A 1 27 ? -10.374 3.224   -5.865  1.00 0.00 ? 27 GLN A HE22 1 
ATOM 451 N N    . ASN A 1 28 ? -8.541  2.232   1.186   1.00 0.00 ? 28 ASN A N    1 
ATOM 452 C CA   . ASN A 1 28 ? -8.386  1.544   2.456   1.00 0.00 ? 28 ASN A CA   1 
ATOM 453 C C    . ASN A 1 28 ? -7.972  0.078   2.345   1.00 0.00 ? 28 ASN A C    1 
ATOM 454 O O    . ASN A 1 28 ? -7.410  -0.443  3.301   1.00 0.00 ? 28 ASN A O    1 
ATOM 455 C CB   . ASN A 1 28 ? -9.611  1.748   3.330   1.00 0.00 ? 28 ASN A CB   1 
ATOM 456 C CG   . ASN A 1 28 ? -9.290  1.724   4.817   1.00 0.00 ? 28 ASN A CG   1 
ATOM 457 O OD1  . ASN A 1 28 ? -8.221  2.144   5.262   1.00 0.00 ? 28 ASN A OD1  1 
ATOM 458 N ND2  . ASN A 1 28 ? -10.230 1.296   5.666   1.00 0.00 ? 28 ASN A ND2  1 
ATOM 459 H H    . ASN A 1 28 ? -9.428  2.670   1.000   1.00 0.00 ? 28 ASN A H    1 
ATOM 460 H HA   . ASN A 1 28 ? -7.541  2.039   2.952   1.00 0.00 ? 28 ASN A HA   1 
ATOM 461 H HB2  . ASN A 1 28 ? -10.070 2.718   3.126   1.00 0.00 ? 28 ASN A HB2  1 
ATOM 462 H HB3  . ASN A 1 28 ? -10.355 0.969   3.111   1.00 0.00 ? 28 ASN A HB3  1 
ATOM 463 H HD21 . ASN A 1 28 ? -11.124 0.955   5.337   1.00 0.00 ? 28 ASN A HD21 1 
ATOM 464 H HD22 . ASN A 1 28 ? -9.994  1.315   6.649   1.00 0.00 ? 28 ASN A HD22 1 
ATOM 465 N N    . LEU A 1 29 ? -8.162  -0.589  1.206   1.00 0.00 ? 29 LEU A N    1 
ATOM 466 C CA   . LEU A 1 29 ? -7.604  -1.913  1.004   1.00 0.00 ? 29 LEU A CA   1 
ATOM 467 C C    . LEU A 1 29 ? -6.087  -1.919  0.961   1.00 0.00 ? 29 LEU A C    1 
ATOM 468 O O    . LEU A 1 29 ? -5.487  -2.870  1.464   1.00 0.00 ? 29 LEU A O    1 
ATOM 469 C CB   . LEU A 1 29 ? -8.194  -2.576  -0.240  1.00 0.00 ? 29 LEU A CB   1 
ATOM 470 C CG   . LEU A 1 29 ? -9.633  -3.058  -0.132  1.00 0.00 ? 29 LEU A CG   1 
ATOM 471 C CD1  . LEU A 1 29 ? -10.030 -3.764  -1.424  1.00 0.00 ? 29 LEU A CD1  1 
ATOM 472 C CD2  . LEU A 1 29 ? -9.859  -4.033  1.026   1.00 0.00 ? 29 LEU A CD2  1 
ATOM 473 H H    . LEU A 1 29 ? -8.634  -0.137  0.441   1.00 0.00 ? 29 LEU A H    1 
ATOM 474 H HA   . LEU A 1 29 ? -7.862  -2.522  1.870   1.00 0.00 ? 29 LEU A HA   1 
ATOM 475 H HB2  . LEU A 1 29 ? -8.099  -1.892  -1.081  1.00 0.00 ? 29 LEU A HB2  1 
ATOM 476 H HB3  . LEU A 1 29 ? -7.576  -3.457  -0.460  1.00 0.00 ? 29 LEU A HB3  1 
ATOM 477 H HG   . LEU A 1 29 ? -10.284 -2.189  0.010   1.00 0.00 ? 29 LEU A HG   1 
ATOM 478 H HD11 . LEU A 1 29 ? -9.418  -4.653  -1.563  1.00 0.00 ? 29 LEU A HD11 1 
ATOM 479 H HD12 . LEU A 1 29 ? -11.078 -4.071  -1.367  1.00 0.00 ? 29 LEU A HD12 1 
ATOM 480 H HD13 . LEU A 1 29 ? -9.898  -3.092  -2.268  1.00 0.00 ? 29 LEU A HD13 1 
ATOM 481 H HD21 . LEU A 1 29 ? -9.771  -3.524  1.981   1.00 0.00 ? 29 LEU A HD21 1 
ATOM 482 H HD22 . LEU A 1 29 ? -10.869 -4.448  0.967   1.00 0.00 ? 29 LEU A HD22 1 
ATOM 483 H HD23 . LEU A 1 29 ? -9.141  -4.850  0.970   1.00 0.00 ? 29 LEU A HD23 1 
ATOM 484 N N    . GLN A 1 30 ? -5.437  -0.866  0.460   1.00 0.00 ? 30 GLN A N    1 
ATOM 485 C CA   . GLN A 1 30 ? -4.002  -0.738  0.526   1.00 0.00 ? 30 GLN A CA   1 
ATOM 486 C C    . GLN A 1 30 ? -3.530  -0.645  1.972   1.00 0.00 ? 30 GLN A C    1 
ATOM 487 O O    . GLN A 1 30 ? -2.609  -1.333  2.382   1.00 0.00 ? 30 GLN A O    1 
ATOM 488 C CB   . GLN A 1 30 ? -3.536  0.499   -0.227  1.00 0.00 ? 30 GLN A CB   1 
ATOM 489 C CG   . GLN A 1 30 ? -3.975  0.605   -1.683  1.00 0.00 ? 30 GLN A CG   1 
ATOM 490 C CD   . GLN A 1 30 ? -3.498  1.925   -2.275  1.00 0.00 ? 30 GLN A CD   1 
ATOM 491 O OE1  . GLN A 1 30 ? -4.161  2.957   -2.159  1.00 0.00 ? 30 GLN A OE1  1 
ATOM 492 N NE2  . GLN A 1 30 ? -2.299  1.975   -2.852  1.00 0.00 ? 30 GLN A NE2  1 
ATOM 493 H H    . GLN A 1 30 ? -5.979  -0.080  0.129   1.00 0.00 ? 30 GLN A H    1 
ATOM 494 H HA   . GLN A 1 30 ? -3.543  -1.622  0.089   1.00 0.00 ? 30 GLN A HA   1 
ATOM 495 H HB2  . GLN A 1 30 ? -3.890  1.391   0.291   1.00 0.00 ? 30 GLN A HB2  1 
ATOM 496 H HB3  . GLN A 1 30 ? -2.445  0.529   -0.202  1.00 0.00 ? 30 GLN A HB3  1 
ATOM 497 H HG2  . GLN A 1 30 ? -3.563  -0.223  -2.255  1.00 0.00 ? 30 GLN A HG2  1 
ATOM 498 H HG3  . GLN A 1 30 ? -5.061  0.573   -1.758  1.00 0.00 ? 30 GLN A HG3  1 
ATOM 499 H HE21 . GLN A 1 30 ? -1.723  1.142   -2.906  1.00 0.00 ? 30 GLN A HE21 1 
ATOM 500 H HE22 . GLN A 1 30 ? -1.913  2.866   -3.132  1.00 0.00 ? 30 GLN A HE22 1 
ATOM 501 N N    . ASN A 1 31 ? -4.226  0.195   2.750   1.00 0.00 ? 31 ASN A N    1 
ATOM 502 C CA   . ASN A 1 31 ? -3.961  0.472   4.148   1.00 0.00 ? 31 ASN A CA   1 
ATOM 503 C C    . ASN A 1 31 ? -4.155  -0.748  5.037   1.00 0.00 ? 31 ASN A C    1 
ATOM 504 O O    . ASN A 1 31 ? -3.303  -1.061  5.870   1.00 0.00 ? 31 ASN A O    1 
ATOM 505 C CB   . ASN A 1 31 ? -4.886  1.625   4.529   1.00 0.00 ? 31 ASN A CB   1 
ATOM 506 C CG   . ASN A 1 31 ? -4.642  2.193   5.922   1.00 0.00 ? 31 ASN A CG   1 
ATOM 507 O OD1  . ASN A 1 31 ? -3.510  2.320   6.387   1.00 0.00 ? 31 ASN A OD1  1 
ATOM 508 N ND2  . ASN A 1 31 ? -5.700  2.603   6.615   1.00 0.00 ? 31 ASN A ND2  1 
ATOM 509 H H    . ASN A 1 31 ? -4.988  0.694   2.324   1.00 0.00 ? 31 ASN A H    1 
ATOM 510 H HA   . ASN A 1 31 ? -2.920  0.804   4.262   1.00 0.00 ? 31 ASN A HA   1 
ATOM 511 H HB2  . ASN A 1 31 ? -4.777  2.444   3.820   1.00 0.00 ? 31 ASN A HB2  1 
ATOM 512 H HB3  . ASN A 1 31 ? -5.917  1.270   4.494   1.00 0.00 ? 31 ASN A HB3  1 
ATOM 513 H HD21 . ASN A 1 31 ? -6.625  2.504   6.233   1.00 0.00 ? 31 ASN A HD21 1 
ATOM 514 H HD22 . ASN A 1 31 ? -5.519  2.987   7.529   1.00 0.00 ? 31 ASN A HD22 1 
ATOM 515 N N    . LEU A 1 32 ? -5.243  -1.486  4.839   1.00 0.00 ? 32 LEU A N    1 
ATOM 516 C CA   . LEU A 1 32 ? -5.537  -2.687  5.608   1.00 0.00 ? 32 LEU A CA   1 
ATOM 517 C C    . LEU A 1 32 ? -4.689  -3.877  5.202   1.00 0.00 ? 32 LEU A C    1 
ATOM 518 O O    . LEU A 1 32 ? -4.357  -4.682  6.064   1.00 0.00 ? 32 LEU A O    1 
ATOM 519 C CB   . LEU A 1 32 ? -7.034  -2.973  5.545   1.00 0.00 ? 32 LEU A CB   1 
ATOM 520 C CG   . LEU A 1 32 ? -7.910  -1.916  6.222   1.00 0.00 ? 32 LEU A CG   1 
ATOM 521 C CD1  . LEU A 1 32 ? -9.384  -2.234  5.955   1.00 0.00 ? 32 LEU A CD1  1 
ATOM 522 C CD2  . LEU A 1 32 ? -7.702  -1.841  7.731   1.00 0.00 ? 32 LEU A CD2  1 
ATOM 523 H H    . LEU A 1 32 ? -5.922  -1.176  4.162   1.00 0.00 ? 32 LEU A H    1 
ATOM 524 H HA   . LEU A 1 32 ? -5.280  -2.495  6.653   1.00 0.00 ? 32 LEU A HA   1 
ATOM 525 H HB2  . LEU A 1 32 ? -7.331  -3.066  4.505   1.00 0.00 ? 32 LEU A HB2  1 
ATOM 526 H HB3  . LEU A 1 32 ? -7.220  -3.926  6.026   1.00 0.00 ? 32 LEU A HB3  1 
ATOM 527 H HG   . LEU A 1 32 ? -7.700  -0.938  5.797   1.00 0.00 ? 32 LEU A HG   1 
ATOM 528 H HD11 . LEU A 1 32 ? -9.576  -2.226  4.887   1.00 0.00 ? 32 LEU A HD11 1 
ATOM 529 H HD12 . LEU A 1 32 ? -9.636  -3.209  6.372   1.00 0.00 ? 32 LEU A HD12 1 
ATOM 530 H HD13 . LEU A 1 32 ? -10.008 -1.474  6.433   1.00 0.00 ? 32 LEU A HD13 1 
ATOM 531 H HD21 . LEU A 1 32 ? -8.409  -1.128  8.166   1.00 0.00 ? 32 LEU A HD21 1 
ATOM 532 H HD22 . LEU A 1 32 ? -7.856  -2.816  8.180   1.00 0.00 ? 32 LEU A HD22 1 
ATOM 533 H HD23 . LEU A 1 32 ? -6.697  -1.485  7.950   1.00 0.00 ? 32 LEU A HD23 1 
ATOM 534 N N    . PHE A 1 33 ? -4.261  -3.981  3.939   1.00 0.00 ? 33 PHE A N    1 
ATOM 535 C CA   . PHE A 1 33 ? -3.331  -5.019  3.528   1.00 0.00 ? 33 PHE A CA   1 
ATOM 536 C C    . PHE A 1 33 ? -1.970  -4.861  4.183   1.00 0.00 ? 33 PHE A C    1 
ATOM 537 O O    . PHE A 1 33 ? -1.449  -5.837  4.724   1.00 0.00 ? 33 PHE A O    1 
ATOM 538 C CB   . PHE A 1 33 ? -3.221  -5.053  2.001   1.00 0.00 ? 33 PHE A CB   1 
ATOM 539 C CG   . PHE A 1 33 ? -2.350  -6.179  1.504   1.00 0.00 ? 33 PHE A CG   1 
ATOM 540 C CD1  . PHE A 1 33 ? -2.905  -7.442  1.291   1.00 0.00 ? 33 PHE A CD1  1 
ATOM 541 C CD2  . PHE A 1 33 ? -0.978  -5.971  1.297   1.00 0.00 ? 33 PHE A CD2  1 
ATOM 542 C CE1  . PHE A 1 33 ? -2.091  -8.506  0.870   1.00 0.00 ? 33 PHE A CE1  1 
ATOM 543 C CE2  . PHE A 1 33 ? -0.165  -7.035  0.877   1.00 0.00 ? 33 PHE A CE2  1 
ATOM 544 C CZ   . PHE A 1 33 ? -0.719  -8.297  0.673   1.00 0.00 ? 33 PHE A CZ   1 
ATOM 545 H H    . PHE A 1 33 ? -4.594  -3.322  3.246   1.00 0.00 ? 33 PHE A H    1 
ATOM 546 H HA   . PHE A 1 33 ? -3.736  -5.978  3.849   1.00 0.00 ? 33 PHE A HA   1 
ATOM 547 H HB2  . PHE A 1 33 ? -4.222  -5.181  1.585   1.00 0.00 ? 33 PHE A HB2  1 
ATOM 548 H HB3  . PHE A 1 33 ? -2.833  -4.102  1.642   1.00 0.00 ? 33 PHE A HB3  1 
ATOM 549 H HD1  . PHE A 1 33 ? -3.953  -7.620  1.460   1.00 0.00 ? 33 PHE A HD1  1 
ATOM 550 H HD2  . PHE A 1 33 ? -0.544  -4.996  1.475   1.00 0.00 ? 33 PHE A HD2  1 
ATOM 551 H HE1  . PHE A 1 33 ? -2.514  -9.484  0.711   1.00 0.00 ? 33 PHE A HE1  1 
ATOM 552 H HE2  . PHE A 1 33 ? 0.892   -6.870  0.736   1.00 0.00 ? 33 PHE A HE2  1 
ATOM 553 H HZ   . PHE A 1 33 ? -0.089  -9.119  0.363   1.00 0.00 ? 33 PHE A HZ   1 
ATOM 554 N N    . ILE A 1 34 ? -1.399  -3.659  4.214   1.00 0.00 ? 34 ILE A N    1 
ATOM 555 C CA   . ILE A 1 34 ? -0.152  -3.440  4.911   1.00 0.00 ? 34 ILE A CA   1 
ATOM 556 C C    . ILE A 1 34 ? -0.307  -3.602  6.418   1.00 0.00 ? 34 ILE A C    1 
ATOM 557 O O    . ILE A 1 34 ? 0.605   -4.127  7.062   1.00 0.00 ? 34 ILE A O    1 
ATOM 558 C CB   . ILE A 1 34 ? 0.529   -2.133  4.502   1.00 0.00 ? 34 ILE A CB   1 
ATOM 559 C CG1  . ILE A 1 34 ? 1.953   -1.974  5.032   1.00 0.00 ? 34 ILE A CG1  1 
ATOM 560 C CG2  . ILE A 1 34 ? -0.259  -0.888  4.903   1.00 0.00 ? 34 ILE A CG2  1 
ATOM 561 C CD1  . ILE A 1 34 ? 2.925   -3.069  4.597   1.00 0.00 ? 34 ILE A CD1  1 
ATOM 562 H H    . ILE A 1 34 ? -1.852  -2.883  3.755   1.00 0.00 ? 34 ILE A H    1 
ATOM 563 H HA   . ILE A 1 34 ? 0.516   -4.244  4.598   1.00 0.00 ? 34 ILE A HA   1 
ATOM 564 H HB   . ILE A 1 34 ? 0.595   -2.136  3.412   1.00 0.00 ? 34 ILE A HB   1 
ATOM 565 H HG12 . ILE A 1 34 ? 2.350   -1.026  4.671   1.00 0.00 ? 34 ILE A HG12 1 
ATOM 566 H HG13 . ILE A 1 34 ? 1.942   -1.937  6.128   1.00 0.00 ? 34 ILE A HG13 1 
ATOM 567 H HG21 . ILE A 1 34 ? -0.357  -0.821  5.987   1.00 0.00 ? 34 ILE A HG21 1 
ATOM 568 H HG22 . ILE A 1 34 ? 0.247   0.004   4.542   1.00 0.00 ? 34 ILE A HG22 1 
ATOM 569 H HG23 . ILE A 1 34 ? -1.242  -0.917  4.446   1.00 0.00 ? 34 ILE A HG23 1 
ATOM 570 H HD11 . ILE A 1 34 ? 2.890   -3.187  3.513   1.00 0.00 ? 34 ILE A HD11 1 
ATOM 571 H HD12 . ILE A 1 34 ? 3.933   -2.788  4.894   1.00 0.00 ? 34 ILE A HD12 1 
ATOM 572 H HD13 . ILE A 1 34 ? 2.678   -4.015  5.084   1.00 0.00 ? 34 ILE A HD13 1 
ATOM 573 N N    . ASN A 1 35 ? -1.465  -3.266  6.987   1.00 0.00 ? 35 ASN A N    1 
ATOM 574 C CA   . ASN A 1 35 ? -1.774  -3.537  8.375   1.00 0.00 ? 35 ASN A CA   1 
ATOM 575 C C    . ASN A 1 35 ? -1.750  -5.025  8.700   1.00 0.00 ? 35 ASN A C    1 
ATOM 576 O O    . ASN A 1 35 ? -1.082  -5.445  9.638   1.00 0.00 ? 35 ASN A O    1 
ATOM 577 C CB   . ASN A 1 35 ? -3.112  -2.880  8.705   1.00 0.00 ? 35 ASN A CB   1 
ATOM 578 C CG   . ASN A 1 35 ? -3.364  -2.788  10.205  1.00 0.00 ? 35 ASN A CG   1 
ATOM 579 O OD1  . ASN A 1 35 ? -4.045  -3.610  10.803  1.00 0.00 ? 35 ASN A OD1  1 
ATOM 580 N ND2  . ASN A 1 35 ? -2.824  -1.759  10.857  1.00 0.00 ? 35 ASN A ND2  1 
ATOM 581 H H    . ASN A 1 35 ? -2.160  -2.811  6.423   1.00 0.00 ? 35 ASN A H    1 
ATOM 582 H HA   . ASN A 1 35 ? -1.003  -3.077  8.997   1.00 0.00 ? 35 ASN A HA   1 
ATOM 583 H HB2  . ASN A 1 35 ? -3.144  -1.874  8.303   1.00 0.00 ? 35 ASN A HB2  1 
ATOM 584 H HB3  . ASN A 1 35 ? -3.925  -3.460  8.275   1.00 0.00 ? 35 ASN A HB3  1 
ATOM 585 H HD21 . ASN A 1 35 ? -2.269  -1.062  10.368  1.00 0.00 ? 35 ASN A HD21 1 
ATOM 586 H HD22 . ASN A 1 35 ? -2.994  -1.722  11.856  1.00 0.00 ? 35 ASN A HD22 1 
ATOM 587 N N    . PHE A 1 36 ? -2.391  -5.866  7.868   1.00 0.00 ? 36 PHE A N    1 
ATOM 588 C CA   . PHE A 1 36 ? -2.379  -7.301  8.004   1.00 0.00 ? 36 PHE A CA   1 
ATOM 589 C C    . PHE A 1 36 ? -0.983  -7.890  7.821   1.00 0.00 ? 36 PHE A C    1 
ATOM 590 O O    . PHE A 1 36 ? -0.598  -8.788  8.555   1.00 0.00 ? 36 PHE A O    1 
ATOM 591 C CB   . PHE A 1 36 ? -3.364  -7.925  7.026   1.00 0.00 ? 36 PHE A CB   1 
ATOM 592 C CG   . PHE A 1 36 ? -4.816  -7.988  7.434   1.00 0.00 ? 36 PHE A CG   1 
ATOM 593 C CD1  . PHE A 1 36 ? -5.384  -7.084  8.342   1.00 0.00 ? 36 PHE A CD1  1 
ATOM 594 C CD2  . PHE A 1 36 ? -5.616  -9.005  6.895   1.00 0.00 ? 36 PHE A CD2  1 
ATOM 595 C CE1  . PHE A 1 36 ? -6.723  -7.206  8.709   1.00 0.00 ? 36 PHE A CE1  1 
ATOM 596 C CE2  . PHE A 1 36 ? -6.955  -9.127  7.262   1.00 0.00 ? 36 PHE A CE2  1 
ATOM 597 C CZ   . PHE A 1 36 ? -7.513  -8.226  8.169   1.00 0.00 ? 36 PHE A CZ   1 
ATOM 598 H H    . PHE A 1 36 ? -2.944  -5.471  7.120   1.00 0.00 ? 36 PHE A H    1 
ATOM 599 H HA   . PHE A 1 36 ? -2.691  -7.575  9.021   1.00 0.00 ? 36 PHE A HA   1 
ATOM 600 H HB2  . PHE A 1 36 ? -3.294  -7.412  6.065   1.00 0.00 ? 36 PHE A HB2  1 
ATOM 601 H HB3  . PHE A 1 36 ? -3.044  -8.950  6.840   1.00 0.00 ? 36 PHE A HB3  1 
ATOM 602 H HD1  . PHE A 1 36 ? -4.796  -6.293  8.776   1.00 0.00 ? 36 PHE A HD1  1 
ATOM 603 H HD2  . PHE A 1 36 ? -5.187  -9.714  6.193   1.00 0.00 ? 36 PHE A HD2  1 
ATOM 604 H HE1  . PHE A 1 36 ? -7.144  -6.511  9.421   1.00 0.00 ? 36 PHE A HE1  1 
ATOM 605 H HE2  . PHE A 1 36 ? -7.563  -9.922  6.850   1.00 0.00 ? 36 PHE A HE2  1 
ATOM 606 H HZ   . PHE A 1 36 ? -8.552  -8.322  8.470   1.00 0.00 ? 36 PHE A HZ   1 
ATOM 607 N N    . ALA A 1 37 ? -0.192  -7.373  6.876   1.00 0.00 ? 37 ALA A N    1 
ATOM 608 C CA   . ALA A 1 37 ? 1.175   -7.817  6.659   1.00 0.00 ? 37 ALA A CA   1 
ATOM 609 C C    . ALA A 1 37 ? 2.089   -7.494  7.829   1.00 0.00 ? 37 ALA A C    1 
ATOM 610 O O    . ALA A 1 37 ? 2.919   -8.321  8.203   1.00 0.00 ? 37 ALA A O    1 
ATOM 611 C CB   . ALA A 1 37 ? 1.677   -7.208  5.350   1.00 0.00 ? 37 ALA A CB   1 
ATOM 612 H H    . ALA A 1 37 ? -0.579  -6.674  6.250   1.00 0.00 ? 37 ALA A H    1 
ATOM 613 H HA   . ALA A 1 37 ? 1.165   -8.899  6.541   1.00 0.00 ? 37 ALA A HA   1 
ATOM 614 H HB1  . ALA A 1 37 ? 1.697   -6.119  5.437   1.00 0.00 ? 37 ALA A HB1  1 
ATOM 615 H HB2  . ALA A 1 37 ? 2.679   -7.574  5.145   1.00 0.00 ? 37 ALA A HB2  1 
ATOM 616 H HB3  . ALA A 1 37 ? 1.018   -7.496  4.529   1.00 0.00 ? 37 ALA A HB3  1 
ATOM 617 N N    . LEU A 1 38 ? 1.920   -6.334  8.466   1.00 0.00 ? 38 LEU A N    1 
ATOM 618 C CA   . LEU A 1 38 ? 2.612   -5.958  9.677   1.00 0.00 ? 38 LEU A CA   1 
ATOM 619 C C    . LEU A 1 38 ? 2.260   -6.871  10.846  1.00 0.00 ? 38 LEU A C    1 
ATOM 620 O O    . LEU A 1 38 ? 3.156   -7.305  11.563  1.00 0.00 ? 38 LEU A O    1 
ATOM 621 C CB   . LEU A 1 38 ? 2.322   -4.500  10.007  1.00 0.00 ? 38 LEU A CB   1 
ATOM 622 C CG   . LEU A 1 38 ? 3.040   -3.485  9.118   1.00 0.00 ? 38 LEU A CG   1 
ATOM 623 C CD1  . LEU A 1 38 ? 2.404   -2.103  9.297   1.00 0.00 ? 38 LEU A CD1  1 
ATOM 624 C CD2  . LEU A 1 38 ? 4.518   -3.367  9.461   1.00 0.00 ? 38 LEU A CD2  1 
ATOM 625 H H    . LEU A 1 38 ? 1.242   -5.684  8.084   1.00 0.00 ? 38 LEU A H    1 
ATOM 626 H HA   . LEU A 1 38 ? 3.689   -6.074  9.509   1.00 0.00 ? 38 LEU A HA   1 
ATOM 627 H HB2  . LEU A 1 38 ? 1.249   -4.336  9.943   1.00 0.00 ? 38 LEU A HB2  1 
ATOM 628 H HB3  . LEU A 1 38 ? 2.610   -4.308  11.049  1.00 0.00 ? 38 LEU A HB3  1 
ATOM 629 H HG   . LEU A 1 38 ? 2.950   -3.783  8.076   1.00 0.00 ? 38 LEU A HG   1 
ATOM 630 H HD11 . LEU A 1 38 ? 2.479   -1.788  10.330  1.00 0.00 ? 38 LEU A HD11 1 
ATOM 631 H HD12 . LEU A 1 38 ? 2.921   -1.386  8.661   1.00 0.00 ? 38 LEU A HD12 1 
ATOM 632 H HD13 . LEU A 1 38 ? 1.356   -2.150  8.997   1.00 0.00 ? 38 LEU A HD13 1 
ATOM 633 H HD21 . LEU A 1 38 ? 4.989   -2.625  8.820   1.00 0.00 ? 38 LEU A HD21 1 
ATOM 634 H HD22 . LEU A 1 38 ? 4.638   -3.078  10.510  1.00 0.00 ? 38 LEU A HD22 1 
ATOM 635 H HD23 . LEU A 1 38 ? 5.021   -4.325  9.301   1.00 0.00 ? 38 LEU A HD23 1 
ATOM 636 N N    . ILE A 1 39 ? 0.987   -7.217  11.013  1.00 0.00 ? 39 ILE A N    1 
ATOM 637 C CA   . ILE A 1 39 ? 0.537   -8.161  12.021  1.00 0.00 ? 39 ILE A CA   1 
ATOM 638 C C    . ILE A 1 39 ? 1.148   -9.535  11.783  1.00 0.00 ? 39 ILE A C    1 
ATOM 639 O O    . ILE A 1 39 ? 1.636   -10.149 12.724  1.00 0.00 ? 39 ILE A O    1 
ATOM 640 C CB   . ILE A 1 39 ? -0.993  -8.193  12.064  1.00 0.00 ? 39 ILE A CB   1 
ATOM 641 C CG1  . ILE A 1 39 ? -1.540  -6.869  12.606  1.00 0.00 ? 39 ILE A CG1  1 
ATOM 642 C CG2  . ILE A 1 39 ? -1.514  -9.337  12.924  1.00 0.00 ? 39 ILE A CG2  1 
ATOM 643 C CD1  . ILE A 1 39 ? -3.017  -6.638  12.288  1.00 0.00 ? 39 ILE A CD1  1 
ATOM 644 H H    . ILE A 1 39 ? 0.288   -6.793  10.408  1.00 0.00 ? 39 ILE A H    1 
ATOM 645 H HA   . ILE A 1 39 ? 0.897   -7.826  12.988  1.00 0.00 ? 39 ILE A HA   1 
ATOM 646 H HB   . ILE A 1 39 ? -1.359  -8.338  11.050  1.00 0.00 ? 39 ILE A HB   1 
ATOM 647 H HG12 . ILE A 1 39 ? -1.394  -6.830  13.688  1.00 0.00 ? 39 ILE A HG12 1 
ATOM 648 H HG13 . ILE A 1 39 ? -0.987  -6.035  12.180  1.00 0.00 ? 39 ILE A HG13 1 
ATOM 649 H HG21 . ILE A 1 39 ? -1.229  -10.300 12.481  1.00 0.00 ? 39 ILE A HG21 1 
ATOM 650 H HG22 . ILE A 1 39 ? -1.106  -9.281  13.923  1.00 0.00 ? 39 ILE A HG22 1 
ATOM 651 H HG23 . ILE A 1 39 ? -2.605  -9.325  12.970  1.00 0.00 ? 39 ILE A HG23 1 
ATOM 652 H HD11 . ILE A 1 39 ? -3.647  -7.372  12.784  1.00 0.00 ? 39 ILE A HD11 1 
ATOM 653 H HD12 . ILE A 1 39 ? -3.300  -5.645  12.641  1.00 0.00 ? 39 ILE A HD12 1 
ATOM 654 H HD13 . ILE A 1 39 ? -3.174  -6.683  11.217  1.00 0.00 ? 39 ILE A HD13 1 
ATOM 655 N N    . LEU A 1 40 ? 1.171   -10.011 10.538  1.00 0.00 ? 40 LEU A N    1 
ATOM 656 C CA   . LEU A 1 40 ? 1.688   -11.323 10.209  1.00 0.00 ? 40 LEU A CA   1 
ATOM 657 C C    . LEU A 1 40 ? 3.198   -11.440 10.376  1.00 0.00 ? 40 LEU A C    1 
ATOM 658 O O    . LEU A 1 40 ? 3.662   -12.451 10.880  1.00 0.00 ? 40 LEU A O    1 
ATOM 659 C CB   . LEU A 1 40 ? 1.216   -11.680 8.800   1.00 0.00 ? 40 LEU A CB   1 
ATOM 660 C CG   . LEU A 1 40 ? 1.609   -13.068 8.310   1.00 0.00 ? 40 LEU A CG   1 
ATOM 661 C CD1  . LEU A 1 40 ? 1.132   -14.195 9.236   1.00 0.00 ? 40 LEU A CD1  1 
ATOM 662 C CD2  . LEU A 1 40 ? 1.007   -13.319 6.933   1.00 0.00 ? 40 LEU A CD2  1 
ATOM 663 H H    . LEU A 1 40 ? 0.730   -9.474  9.812   1.00 0.00 ? 40 LEU A H    1 
ATOM 664 H HA   . LEU A 1 40 ? 1.243   -12.032 10.900  1.00 0.00 ? 40 LEU A HA   1 
ATOM 665 H HB2  . LEU A 1 40 ? 0.128   -11.605 8.776   1.00 0.00 ? 40 LEU A HB2  1 
ATOM 666 H HB3  . LEU A 1 40 ? 1.617   -10.946 8.103   1.00 0.00 ? 40 LEU A HB3  1 
ATOM 667 H HG   . LEU A 1 40 ? 2.691   -13.132 8.224   1.00 0.00 ? 40 LEU A HG   1 
ATOM 668 H HD11 . LEU A 1 40 ? 1.650   -14.144 10.185  1.00 0.00 ? 40 LEU A HD11 1 
ATOM 669 H HD12 . LEU A 1 40 ? 0.055   -14.111 9.404   1.00 0.00 ? 40 LEU A HD12 1 
ATOM 670 H HD13 . LEU A 1 40 ? 1.353   -15.158 8.790   1.00 0.00 ? 40 LEU A HD13 1 
ATOM 671 H HD21 . LEU A 1 40 ? 1.329   -14.282 6.557   1.00 0.00 ? 40 LEU A HD21 1 
ATOM 672 H HD22 . LEU A 1 40 ? -0.080  -13.296 6.989   1.00 0.00 ? 40 LEU A HD22 1 
ATOM 673 H HD23 . LEU A 1 40 ? 1.337   -12.540 6.244   1.00 0.00 ? 40 LEU A HD23 1 
ATOM 674 N N    . ILE A 1 41 ? 3.979   -10.418 10.013  1.00 0.00 ? 41 ILE A N    1 
ATOM 675 C CA   . ILE A 1 41 ? 5.406   -10.444 10.209  1.00 0.00 ? 41 ILE A CA   1 
ATOM 676 C C    . ILE A 1 41 ? 5.794   -10.259 11.674  1.00 0.00 ? 41 ILE A C    1 
ATOM 677 O O    . ILE A 1 41 ? 6.775   -10.841 12.119  1.00 0.00 ? 41 ILE A O    1 
ATOM 678 C CB   . ILE A 1 41 ? 6.125   -9.503  9.247   1.00 0.00 ? 41 ILE A CB   1 
ATOM 679 C CG1  . ILE A 1 41 ? 7.539   -10.015 8.984   1.00 0.00 ? 41 ILE A CG1  1 
ATOM 680 C CG2  . ILE A 1 41 ? 6.121   -8.053  9.723   1.00 0.00 ? 41 ILE A CG2  1 
ATOM 681 C CD1  . ILE A 1 41 ? 8.303   -9.227  7.926   1.00 0.00 ? 41 ILE A CD1  1 
ATOM 682 H H    . ILE A 1 41 ? 3.551   -9.607  9.573   1.00 0.00 ? 41 ILE A H    1 
ATOM 683 H HA   . ILE A 1 41 ? 5.732   -11.461 9.952   1.00 0.00 ? 41 ILE A HA   1 
ATOM 684 H HB   . ILE A 1 41 ? 5.591   -9.538  8.300   1.00 0.00 ? 41 ILE A HB   1 
ATOM 685 H HG12 . ILE A 1 41 ? 8.114   -10.004 9.908   1.00 0.00 ? 41 ILE A HG12 1 
ATOM 686 H HG13 . ILE A 1 41 ? 7.479   -11.053 8.630   1.00 0.00 ? 41 ILE A HG13 1 
ATOM 687 H HG21 . ILE A 1 41 ? 5.112   -7.759  9.998   1.00 0.00 ? 41 ILE A HG21 1 
ATOM 688 H HG22 . ILE A 1 41 ? 6.780   -7.933  10.582  1.00 0.00 ? 41 ILE A HG22 1 
ATOM 689 H HG23 . ILE A 1 41 ? 6.454   -7.394  8.922   1.00 0.00 ? 41 ILE A HG23 1 
ATOM 690 H HD11 . ILE A 1 41 ? 7.708   -9.137  7.016   1.00 0.00 ? 41 ILE A HD11 1 
ATOM 691 H HD12 . ILE A 1 41 ? 8.551   -8.231  8.292   1.00 0.00 ? 41 ILE A HD12 1 
ATOM 692 H HD13 . ILE A 1 41 ? 9.229   -9.746  7.685   1.00 0.00 ? 41 ILE A HD13 1 
ATOM 693 N N    . PHE A 1 42 ? 5.001   -9.525  12.459  1.00 0.00 ? 42 PHE A N    1 
ATOM 694 C CA   . PHE A 1 42 ? 5.143   -9.438  13.893  1.00 0.00 ? 42 PHE A CA   1 
ATOM 695 C C    . PHE A 1 42 ? 4.860   -10.769 14.578  1.00 0.00 ? 42 PHE A C    1 
ATOM 696 O O    . PHE A 1 42 ? 5.618   -11.186 15.448  1.00 0.00 ? 42 PHE A O    1 
ATOM 697 C CB   . PHE A 1 42 ? 4.249   -8.326  14.422  1.00 0.00 ? 42 PHE A CB   1 
ATOM 698 C CG   . PHE A 1 42 ? 4.322   -8.110  15.915  1.00 0.00 ? 42 PHE A CG   1 
ATOM 699 C CD1  . PHE A 1 42 ? 5.394   -7.393  16.465  1.00 0.00 ? 42 PHE A CD1  1 
ATOM 700 C CD2  . PHE A 1 42 ? 3.321   -8.622  16.748  1.00 0.00 ? 42 PHE A CD2  1 
ATOM 701 C CE1  . PHE A 1 42 ? 5.464   -7.189  17.848  1.00 0.00 ? 42 PHE A CE1  1 
ATOM 702 C CE2  . PHE A 1 42 ? 3.392   -8.418  18.130  1.00 0.00 ? 42 PHE A CE2  1 
ATOM 703 C CZ   . PHE A 1 42 ? 4.463   -7.701  18.681  1.00 0.00 ? 42 PHE A CZ   1 
ATOM 704 H H    . PHE A 1 42 ? 4.228   -9.022  12.033  1.00 0.00 ? 42 PHE A H    1 
ATOM 705 H HA   . PHE A 1 42 ? 6.181   -9.177  14.127  1.00 0.00 ? 42 PHE A HA   1 
ATOM 706 H HB2  . PHE A 1 42 ? 4.524   -7.389  13.931  1.00 0.00 ? 42 PHE A HB2  1 
ATOM 707 H HB3  . PHE A 1 42 ? 3.213   -8.534  14.149  1.00 0.00 ? 42 PHE A HB3  1 
ATOM 708 H HD1  . PHE A 1 42 ? 6.171   -7.005  15.821  1.00 0.00 ? 42 PHE A HD1  1 
ATOM 709 H HD2  . PHE A 1 42 ? 2.502   -9.189  16.328  1.00 0.00 ? 42 PHE A HD2  1 
ATOM 710 H HE1  . PHE A 1 42 ? 6.288   -6.645  18.277  1.00 0.00 ? 42 PHE A HE1  1 
ATOM 711 H HE2  . PHE A 1 42 ? 2.620   -8.818  18.774  1.00 0.00 ? 42 PHE A HE2  1 
ATOM 712 H HZ   . PHE A 1 42 ? 4.509   -7.546  19.754  1.00 0.00 ? 42 PHE A HZ   1 
ATOM 713 N N    . LEU A 1 43 ? 3.827   -11.497 14.135  1.00 0.00 ? 43 LEU A N    1 
ATOM 714 C CA   . LEU A 1 43 ? 3.524   -12.833 14.601  1.00 0.00 ? 43 LEU A CA   1 
ATOM 715 C C    . LEU A 1 43 ? 4.651   -13.810 14.285  1.00 0.00 ? 43 LEU A C    1 
ATOM 716 O O    . LEU A 1 43 ? 5.048   -14.583 15.160  1.00 0.00 ? 43 LEU A O    1 
ATOM 717 C CB   . LEU A 1 43 ? 2.190   -13.275 14.008  1.00 0.00 ? 43 LEU A CB   1 
ATOM 718 C CG   . LEU A 1 43 ? 1.747   -14.683 14.365  1.00 0.00 ? 43 LEU A CG   1 
ATOM 719 C CD1  . LEU A 1 43 ? 1.603   -14.901 15.870  1.00 0.00 ? 43 LEU A CD1  1 
ATOM 720 C CD2  . LEU A 1 43 ? 0.404   -14.974 13.705  1.00 0.00 ? 43 LEU A CD2  1 
ATOM 721 H H    . LEU A 1 43 ? 3.204   -11.078 13.454  1.00 0.00 ? 43 LEU A H    1 
ATOM 722 H HA   . LEU A 1 43 ? 3.416   -12.795 15.686  1.00 0.00 ? 43 LEU A HA   1 
ATOM 723 H HB2  . LEU A 1 43 ? 1.417   -12.573 14.339  1.00 0.00 ? 43 LEU A HB2  1 
ATOM 724 H HB3  . LEU A 1 43 ? 2.250   -13.202 12.920  1.00 0.00 ? 43 LEU A HB3  1 
ATOM 725 H HG   . LEU A 1 43 ? 2.477   -15.402 13.977  1.00 0.00 ? 43 LEU A HG   1 
ATOM 726 H HD11 . LEU A 1 43 ? 0.924   -14.166 16.293  1.00 0.00 ? 43 LEU A HD11 1 
ATOM 727 H HD12 . LEU A 1 43 ? 1.214   -15.907 16.058  1.00 0.00 ? 43 LEU A HD12 1 
ATOM 728 H HD13 . LEU A 1 43 ? 2.573   -14.826 16.359  1.00 0.00 ? 43 LEU A HD13 1 
ATOM 729 H HD21 . LEU A 1 43 ? 0.480   -14.854 12.626  1.00 0.00 ? 43 LEU A HD21 1 
ATOM 730 H HD22 . LEU A 1 43 ? 0.105   -16.000 13.915  1.00 0.00 ? 43 LEU A HD22 1 
ATOM 731 H HD23 . LEU A 1 43 ? -0.361  -14.295 14.095  1.00 0.00 ? 43 LEU A HD23 1 
ATOM 732 N N    . LEU A 1 44 ? 5.209   -13.766 13.081  1.00 0.00 ? 44 LEU A N    1 
ATOM 733 C CA   . LEU A 1 44 ? 6.356   -14.570 12.697  1.00 0.00 ? 44 LEU A CA   1 
ATOM 734 C C    . LEU A 1 44 ? 7.580   -14.270 13.537  1.00 0.00 ? 44 LEU A C    1 
ATOM 735 O O    . LEU A 1 44 ? 8.267   -15.196 13.974  1.00 0.00 ? 44 LEU A O    1 
ATOM 736 C CB   . LEU A 1 44 ? 6.621   -14.371 11.210  1.00 0.00 ? 44 LEU A CB   1 
ATOM 737 C CG   . LEU A 1 44 ? 7.803   -15.147 10.652  1.00 0.00 ? 44 LEU A CG   1 
ATOM 738 C CD1  . LEU A 1 44 ? 7.652   -16.665 10.801  1.00 0.00 ? 44 LEU A CD1  1 
ATOM 739 C CD2  . LEU A 1 44 ? 7.966   -14.840 9.167   1.00 0.00 ? 44 LEU A CD2  1 
ATOM 740 H H    . LEU A 1 44 ? 4.813   -13.138 12.395  1.00 0.00 ? 44 LEU A H    1 
ATOM 741 H HA   . LEU A 1 44 ? 6.098   -15.621 12.872  1.00 0.00 ? 44 LEU A HA   1 
ATOM 742 H HB2  . LEU A 1 44 ? 5.722   -14.660 10.652  1.00 0.00 ? 44 LEU A HB2  1 
ATOM 743 H HB3  . LEU A 1 44 ? 6.794   -13.315 11.022  1.00 0.00 ? 44 LEU A HB3  1 
ATOM 744 H HG   . LEU A 1 44 ? 8.716   -14.831 11.159  1.00 0.00 ? 44 LEU A HG   1 
ATOM 745 H HD11 . LEU A 1 44 ? 6.728   -16.997 10.344  1.00 0.00 ? 44 LEU A HD11 1 
ATOM 746 H HD12 . LEU A 1 44 ? 8.498   -17.171 10.326  1.00 0.00 ? 44 LEU A HD12 1 
ATOM 747 H HD13 . LEU A 1 44 ? 7.664   -16.930 11.859  1.00 0.00 ? 44 LEU A HD13 1 
ATOM 748 H HD21 . LEU A 1 44 ? 7.078   -15.164 8.617   1.00 0.00 ? 44 LEU A HD21 1 
ATOM 749 H HD22 . LEU A 1 44 ? 8.106   -13.772 9.032   1.00 0.00 ? 44 LEU A HD22 1 
ATOM 750 H HD23 . LEU A 1 44 ? 8.845   -15.367 8.780   1.00 0.00 ? 44 LEU A HD23 1 
ATOM 751 N N    . LEU A 1 45 ? 7.850   -12.996 13.826  1.00 0.00 ? 45 LEU A N    1 
ATOM 752 C CA   . LEU A 1 45 ? 8.945   -12.579 14.681  1.00 0.00 ? 45 LEU A CA   1 
ATOM 753 C C    . LEU A 1 45 ? 8.816   -13.172 16.078  1.00 0.00 ? 45 LEU A C    1 
ATOM 754 O O    . LEU A 1 45 ? 9.770   -13.808 16.535  1.00 0.00 ? 45 LEU A O    1 
ATOM 755 C CB   . LEU A 1 45 ? 9.010   -11.052 14.711  1.00 0.00 ? 45 LEU A CB   1 
ATOM 756 C CG   . LEU A 1 45 ? 10.038  -10.452 15.664  1.00 0.00 ? 45 LEU A CG   1 
ATOM 757 C CD1  . LEU A 1 45 ? 11.468  -10.855 15.311  1.00 0.00 ? 45 LEU A CD1  1 
ATOM 758 C CD2  . LEU A 1 45 ? 9.935   -8.934  15.628  1.00 0.00 ? 45 LEU A CD2  1 
ATOM 759 H H    . LEU A 1 45 ? 7.268   -12.273 13.418  1.00 0.00 ? 45 LEU A H    1 
ATOM 760 H HA   . LEU A 1 45 ? 9.871   -12.952 14.251  1.00 0.00 ? 45 LEU A HA   1 
ATOM 761 H HB2  . LEU A 1 45 ? 9.221   -10.701 13.694  1.00 0.00 ? 45 LEU A HB2  1 
ATOM 762 H HB3  . LEU A 1 45 ? 8.034   -10.663 14.993  1.00 0.00 ? 45 LEU A HB3  1 
ATOM 763 H HG   . LEU A 1 45 ? 9.823   -10.780 16.682  1.00 0.00 ? 45 LEU A HG   1 
ATOM 764 H HD11 . LEU A 1 45 ? 11.701  -10.565 14.281  1.00 0.00 ? 45 LEU A HD11 1 
ATOM 765 H HD12 . LEU A 1 45 ? 12.161  -10.360 15.991  1.00 0.00 ? 45 LEU A HD12 1 
ATOM 766 H HD13 . LEU A 1 45 ? 11.589  -11.926 15.423  1.00 0.00 ? 45 LEU A HD13 1 
ATOM 767 H HD21 . LEU A 1 45 ? 8.931   -8.630  15.923  1.00 0.00 ? 45 LEU A HD21 1 
ATOM 768 H HD22 . LEU A 1 45 ? 10.649  -8.508  16.336  1.00 0.00 ? 45 LEU A HD22 1 
ATOM 769 H HD23 . LEU A 1 45 ? 10.154  -8.566  14.632  1.00 0.00 ? 45 LEU A HD23 1 
ATOM 770 N N    . ILE A 1 46 ? 7.671   -13.017 16.743  1.00 0.00 ? 46 ILE A N    1 
ATOM 771 C CA   . ILE A 1 46 ? 7.503   -13.525 18.095  1.00 0.00 ? 46 ILE A CA   1 
ATOM 772 C C    . ILE A 1 46 ? 7.418   -15.044 18.157  1.00 0.00 ? 46 ILE A C    1 
ATOM 773 O O    . ILE A 1 46 ? 7.810   -15.614 19.168  1.00 0.00 ? 46 ILE A O    1 
ATOM 774 C CB   . ILE A 1 46 ? 6.371   -12.847 18.858  1.00 0.00 ? 46 ILE A CB   1 
ATOM 775 C CG1  . ILE A 1 46 ? 4.987   -13.166 18.312  1.00 0.00 ? 46 ILE A CG1  1 
ATOM 776 C CG2  . ILE A 1 46 ? 6.632   -11.352 18.961  1.00 0.00 ? 46 ILE A CG2  1 
ATOM 777 C CD1  . ILE A 1 46 ? 3.833   -12.647 19.175  1.00 0.00 ? 46 ILE A CD1  1 
ATOM 778 H H    . ILE A 1 46 ? 6.924   -12.502 16.315  1.00 0.00 ? 46 ILE A H    1 
ATOM 779 H HA   . ILE A 1 46 ? 8.407   -13.280 18.642  1.00 0.00 ? 46 ILE A HA   1 
ATOM 780 H HB   . ILE A 1 46 ? 6.407   -13.246 19.872  1.00 0.00 ? 46 ILE A HB   1 
ATOM 781 H HG12 . ILE A 1 46 ? 4.889   -12.734 17.315  1.00 0.00 ? 46 ILE A HG12 1 
ATOM 782 H HG13 . ILE A 1 46 ? 4.866   -14.243 18.225  1.00 0.00 ? 46 ILE A HG13 1 
ATOM 783 H HG21 . ILE A 1 46 ? 6.480   -10.871 17.998  1.00 0.00 ? 46 ILE A HG21 1 
ATOM 784 H HG22 . ILE A 1 46 ? 5.975   -10.894 19.699  1.00 0.00 ? 46 ILE A HG22 1 
ATOM 785 H HG23 . ILE A 1 46 ? 7.664   -11.172 19.285  1.00 0.00 ? 46 ILE A HG23 1 
ATOM 786 H HD11 . ILE A 1 46 ? 3.939   -13.028 20.194  1.00 0.00 ? 46 ILE A HD11 1 
ATOM 787 H HD12 . ILE A 1 46 ? 3.823   -11.560 19.184  1.00 0.00 ? 46 ILE A HD12 1 
ATOM 788 H HD13 . ILE A 1 46 ? 2.887   -12.993 18.761  1.00 0.00 ? 46 ILE A HD13 1 
ATOM 789 N N    . ALA A 1 47 ? 6.987   -15.725 17.089  1.00 0.00 ? 47 ALA A N    1 
ATOM 790 C CA   . ALA A 1 47 ? 7.081   -17.169 17.007  1.00 0.00 ? 47 ALA A CA   1 
ATOM 791 C C    . ALA A 1 47 ? 8.526   -17.635 17.023  1.00 0.00 ? 47 ALA A C    1 
ATOM 792 O O    . ALA A 1 47 ? 8.869   -18.561 17.750  1.00 0.00 ? 47 ALA A O    1 
ATOM 793 C CB   . ALA A 1 47 ? 6.333   -17.643 15.769  1.00 0.00 ? 47 ALA A CB   1 
ATOM 794 H H    . ALA A 1 47 ? 6.613   -15.222 16.297  1.00 0.00 ? 47 ALA A H    1 
ATOM 795 H HA   . ALA A 1 47 ? 6.598   -17.600 17.885  1.00 0.00 ? 47 ALA A HA   1 
ATOM 796 H HB1  . ALA A 1 47 ? 5.292   -17.320 15.816  1.00 0.00 ? 47 ALA A HB1  1 
ATOM 797 H HB2  . ALA A 1 47 ? 6.798   -17.229 14.862  1.00 0.00 ? 47 ALA A HB2  1 
ATOM 798 H HB3  . ALA A 1 47 ? 6.370   -18.730 15.717  1.00 0.00 ? 47 ALA A HB3  1 
ATOM 799 N N    . ILE A 1 48 ? 9.412   -16.978 16.263  1.00 0.00 ? 48 ILE A N    1 
ATOM 800 C CA   . ILE A 1 48 ? 10.817  -17.317 16.194  1.00 0.00 ? 48 ILE A CA   1 
ATOM 801 C C    . ILE A 1 48 ? 11.490  -17.132 17.543  1.00 0.00 ? 48 ILE A C    1 
ATOM 802 O O    . ILE A 1 48 ? 12.099  -18.086 18.036  1.00 0.00 ? 48 ILE A O    1 
ATOM 803 C CB   . ILE A 1 48 ? 11.489  -16.563 15.053  1.00 0.00 ? 48 ILE A CB   1 
ATOM 804 C CG1  . ILE A 1 48 ? 11.004  -17.103 13.711  1.00 0.00 ? 48 ILE A CG1  1 
ATOM 805 C CG2  . ILE A 1 48 ? 13.013  -16.644 15.128  1.00 0.00 ? 48 ILE A CG2  1 
ATOM 806 C CD1  . ILE A 1 48 ? 11.316  -16.210 12.514  1.00 0.00 ? 48 ILE A CD1  1 
ATOM 807 H H    . ILE A 1 48 ? 9.071   -16.220 15.693  1.00 0.00 ? 48 ILE A H    1 
ATOM 808 H HA   . ILE A 1 48 ? 10.896  -18.389 15.968  1.00 0.00 ? 48 ILE A HA   1 
ATOM 809 H HB   . ILE A 1 48 ? 11.210  -15.511 15.126  1.00 0.00 ? 48 ILE A HB   1 
ATOM 810 H HG12 . ILE A 1 48 ? 11.434  -18.090 13.546  1.00 0.00 ? 48 ILE A HG12 1 
ATOM 811 H HG13 . ILE A 1 48 ? 9.918   -17.229 13.734  1.00 0.00 ? 48 ILE A HG13 1 
ATOM 812 H HG21 . ILE A 1 48 ? 13.470  -16.142 14.283  1.00 0.00 ? 48 ILE A HG21 1 
ATOM 813 H HG22 . ILE A 1 48 ? 13.375  -16.162 16.038  1.00 0.00 ? 48 ILE A HG22 1 
ATOM 814 H HG23 . ILE A 1 48 ? 13.322  -17.693 15.144  1.00 0.00 ? 48 ILE A HG23 1 
ATOM 815 H HD11 . ILE A 1 48 ? 10.838  -16.632 11.625  1.00 0.00 ? 48 ILE A HD11 1 
ATOM 816 H HD12 . ILE A 1 48 ? 10.925  -15.205 12.686  1.00 0.00 ? 48 ILE A HD12 1 
ATOM 817 H HD13 . ILE A 1 48 ? 12.383  -16.165 12.340  1.00 0.00 ? 48 ILE A HD13 1 
ATOM 818 N N    . ILE A 1 49 ? 11.341  -15.981 18.198  1.00 0.00 ? 49 ILE A N    1 
ATOM 819 C CA   . ILE A 1 49 ? 12.000  -15.688 19.450  1.00 0.00 ? 49 ILE A CA   1 
ATOM 820 C C    . ILE A 1 49 ? 11.351  -16.301 20.681  1.00 0.00 ? 49 ILE A C    1 
ATOM 821 O O    . ILE A 1 49 ? 11.671  -15.908 21.805  1.00 0.00 ? 49 ILE A O    1 
ATOM 822 C CB   . ILE A 1 49 ? 12.335  -14.206 19.597  1.00 0.00 ? 49 ILE A CB   1 
ATOM 823 C CG1  . ILE A 1 49 ? 11.082  -13.338 19.752  1.00 0.00 ? 49 ILE A CG1  1 
ATOM 824 C CG2  . ILE A 1 49 ? 13.206  -13.739 18.433  1.00 0.00 ? 49 ILE A CG2  1 
ATOM 825 C CD1  . ILE A 1 49 ? 11.356  -11.875 20.103  1.00 0.00 ? 49 ILE A CD1  1 
ATOM 826 H H    . ILE A 1 49 ? 10.789  -15.256 17.757  1.00 0.00 ? 49 ILE A H    1 
ATOM 827 H HA   . ILE A 1 49 ? 12.972  -16.187 19.406  1.00 0.00 ? 49 ILE A HA   1 
ATOM 828 H HB   . ILE A 1 49 ? 12.925  -14.085 20.500  1.00 0.00 ? 49 ILE A HB   1 
ATOM 829 H HG12 . ILE A 1 49 ? 10.521  -13.364 18.816  1.00 0.00 ? 49 ILE A HG12 1 
ATOM 830 H HG13 . ILE A 1 49 ? 10.449  -13.751 20.543  1.00 0.00 ? 49 ILE A HG13 1 
ATOM 831 H HG21 . ILE A 1 49 ? 12.620  -13.683 17.511  1.00 0.00 ? 49 ILE A HG21 1 
ATOM 832 H HG22 . ILE A 1 49 ? 13.619  -12.746 18.654  1.00 0.00 ? 49 ILE A HG22 1 
ATOM 833 H HG23 . ILE A 1 49 ? 14.034  -14.425 18.298  1.00 0.00 ? 49 ILE A HG23 1 
ATOM 834 H HD11 . ILE A 1 49 ? 11.947  -11.817 21.016  1.00 0.00 ? 49 ILE A HD11 1 
ATOM 835 H HD12 . ILE A 1 49 ? 11.877  -11.383 19.282  1.00 0.00 ? 49 ILE A HD12 1 
ATOM 836 H HD13 . ILE A 1 49 ? 10.406  -11.371 20.255  1.00 0.00 ? 49 ILE A HD13 1 
ATOM 837 N N    . VAL A 1 50 ? 10.427  -17.251 20.506  1.00 0.00 ? 50 VAL A N    1 
ATOM 838 C CA   . VAL A 1 50 ? 9.845   -18.057 21.548  1.00 0.00 ? 50 VAL A CA   1 
ATOM 839 C C    . VAL A 1 50 ? 9.972   -19.545 21.271  1.00 0.00 ? 50 VAL A C    1 
ATOM 840 O O    . VAL A 1 50 ? 9.905   -20.333 22.217  1.00 0.00 ? 50 VAL A O    1 
ATOM 841 C CB   . VAL A 1 50 ? 8.386   -17.647 21.784  1.00 0.00 ? 50 VAL A CB   1 
ATOM 842 C CG1  . VAL A 1 50 ? 7.639   -18.493 22.799  1.00 0.00 ? 50 VAL A CG1  1 
ATOM 843 C CG2  . VAL A 1 50 ? 8.295   -16.209 22.287  1.00 0.00 ? 50 VAL A CG2  1 
ATOM 844 H H    . VAL A 1 50 ? 10.160  -17.438 19.553  1.00 0.00 ? 50 VAL A H    1 
ATOM 845 H HA   . VAL A 1 50 ? 10.381  -17.886 22.477  1.00 0.00 ? 50 VAL A HA   1 
ATOM 846 H HB   . VAL A 1 50 ? 7.851   -17.713 20.835  1.00 0.00 ? 50 VAL A HB   1 
ATOM 847 H HG11 . VAL A 1 50 ? 7.511   -19.508 22.421  1.00 0.00 ? 50 VAL A HG11 1 
ATOM 848 H HG12 . VAL A 1 50 ? 8.201   -18.530 23.732  1.00 0.00 ? 50 VAL A HG12 1 
ATOM 849 H HG13 . VAL A 1 50 ? 6.652   -18.080 22.983  1.00 0.00 ? 50 VAL A HG13 1 
ATOM 850 H HG21 . VAL A 1 50 ? 7.248   -15.925 22.405  1.00 0.00 ? 50 VAL A HG21 1 
ATOM 851 H HG22 . VAL A 1 50 ? 8.808   -16.114 23.248  1.00 0.00 ? 50 VAL A HG22 1 
ATOM 852 H HG23 . VAL A 1 50 ? 8.755   -15.517 21.585  1.00 0.00 ? 50 VAL A HG23 1 
ATOM 853 N N    . MET A 1 51 ? 10.175  -19.985 20.020  1.00 0.00 ? 51 MET A N    1 
ATOM 854 C CA   . MET A 1 51 ? 10.145  -21.371 19.629  1.00 0.00 ? 51 MET A CA   1 
ATOM 855 C C    . MET A 1 51 ? 11.370  -21.868 18.890  1.00 0.00 ? 51 MET A C    1 
ATOM 856 O O    . MET A 1 51 ? 11.511  -23.086 18.717  1.00 0.00 ? 51 MET A O    1 
ATOM 857 C CB   . MET A 1 51 ? 8.852   -21.606 18.855  1.00 0.00 ? 51 MET A CB   1 
ATOM 858 C CG   . MET A 1 51 ? 8.487   -23.068 18.651  1.00 0.00 ? 51 MET A CG   1 
ATOM 859 S SD   . MET A 1 51 ? 6.893   -23.342 17.844  1.00 0.00 ? 51 MET A SD   1 
ATOM 860 C CE   . MET A 1 51 ? 7.111   -25.073 17.373  1.00 0.00 ? 51 MET A CE   1 
ATOM 861 H H    . MET A 1 51 ? 10.165  -19.296 19.290  1.00 0.00 ? 51 MET A H    1 
ATOM 862 H HA   . MET A 1 51 ? 10.089  -21.983 20.527  1.00 0.00 ? 51 MET A HA   1 
ATOM 863 H HB2  . MET A 1 51 ? 8.021   -21.137 19.388  1.00 0.00 ? 51 MET A HB2  1 
ATOM 864 H HB3  . MET A 1 51 ? 8.935   -21.140 17.871  1.00 0.00 ? 51 MET A HB3  1 
ATOM 865 H HG2  . MET A 1 51 ? 9.256   -23.540 18.034  1.00 0.00 ? 51 MET A HG2  1 
ATOM 866 H HG3  . MET A 1 51 ? 8.475   -23.568 19.619  1.00 0.00 ? 51 MET A HG3  1 
ATOM 867 H HE1  . MET A 1 51 ? 7.302   -25.672 18.261  1.00 0.00 ? 51 MET A HE1  1 
ATOM 868 H HE2  . MET A 1 51 ? 6.212   -25.436 16.864  1.00 0.00 ? 51 MET A HE2  1 
ATOM 869 H HE3  . MET A 1 51 ? 7.959   -25.161 16.695  1.00 0.00 ? 51 MET A HE3  1 
ATOM 870 N N    . LEU A 1 52 ? 12.281  -21.005 18.443  1.00 0.00 ? 52 LEU A N    1 
ATOM 871 C CA   . LEU A 1 52 ? 13.526  -21.372 17.795  1.00 0.00 ? 52 LEU A CA   1 
ATOM 872 C C    . LEU A 1 52 ? 14.765  -21.055 18.615  1.00 0.00 ? 52 LEU A C    1 
ATOM 873 O O    . LEU A 1 52 ? 15.828  -21.589 18.302  1.00 0.00 ? 52 LEU A O    1 
ATOM 874 C CB   . LEU A 1 52 ? 13.569  -20.697 16.427  1.00 0.00 ? 52 LEU A CB   1 
ATOM 875 C CG   . LEU A 1 52 ? 14.718  -21.088 15.506  1.00 0.00 ? 52 LEU A CG   1 
ATOM 876 C CD1  . LEU A 1 52 ? 14.668  -22.561 15.105  1.00 0.00 ? 52 LEU A CD1  1 
ATOM 877 C CD2  . LEU A 1 52 ? 14.696  -20.254 14.237  1.00 0.00 ? 52 LEU A CD2  1 
ATOM 878 H H    . LEU A 1 52 ? 12.111  -20.021 18.575  1.00 0.00 ? 52 LEU A H    1 
ATOM 879 H HA   . LEU A 1 52 ? 13.534  -22.450 17.635  1.00 0.00 ? 52 LEU A HA   1 
ATOM 880 H HB2  . LEU A 1 52 ? 12.628  -20.899 15.904  1.00 0.00 ? 52 LEU A HB2  1 
ATOM 881 H HB3  . LEU A 1 52 ? 13.634  -19.621 16.590  1.00 0.00 ? 52 LEU A HB3  1 
ATOM 882 H HG   . LEU A 1 52 ? 15.677  -20.882 15.988  1.00 0.00 ? 52 LEU A HG   1 
ATOM 883 H HD11 . LEU A 1 52 ? 13.724  -22.783 14.612  1.00 0.00 ? 52 LEU A HD11 1 
ATOM 884 H HD12 . LEU A 1 52 ? 15.494  -22.779 14.426  1.00 0.00 ? 52 LEU A HD12 1 
ATOM 885 H HD13 . LEU A 1 52 ? 14.785  -23.190 15.988  1.00 0.00 ? 52 LEU A HD13 1 
ATOM 886 H HD21 . LEU A 1 52 ? 15.511  -20.573 13.578  1.00 0.00 ? 52 LEU A HD21 1 
ATOM 887 H HD22 . LEU A 1 52 ? 13.742  -20.366 13.717  1.00 0.00 ? 52 LEU A HD22 1 
ATOM 888 H HD23 . LEU A 1 52 ? 14.864  -19.210 14.490  1.00 0.00 ? 52 LEU A HD23 1 
ATOM 889 N N    . LEU A 1 53 ? 14.665  -20.167 19.593  1.00 0.00 ? 53 LEU A N    1 
ATOM 890 C CA   . LEU A 1 53 ? 15.764  -19.490 20.250  1.00 0.00 ? 53 LEU A CA   1 
ATOM 891 C C    . LEU A 1 53 ? 16.115  -20.063 21.615  1.00 0.00 ? 53 LEU A C    1 
ATOM 892 O O    . LEU A 1 53 ? 15.169  -20.300 22.408  1.00 0.00 ? 53 LEU A O    1 
ATOM 893 C CB   . LEU A 1 53 ? 15.415  -18.005 20.306  1.00 0.00 ? 53 LEU A CB   1 
ATOM 894 C CG   . LEU A 1 53 ? 16.601  -17.097 20.608  1.00 0.00 ? 53 LEU A CG   1 
ATOM 895 C CD1  . LEU A 1 53 ? 17.516  -16.962 19.395  1.00 0.00 ? 53 LEU A CD1  1 
ATOM 896 C CD2  . LEU A 1 53 ? 16.105  -15.697 20.967  1.00 0.00 ? 53 LEU A CD2  1 
ATOM 897 O OXT  . LEU A 1 53 ? 17.336  -20.210 21.857  1.00 0.00 ? 53 LEU A OXT  1 
ATOM 898 H H    . LEU A 1 53 ? 13.735  -19.899 19.899  1.00 0.00 ? 53 LEU A H    1 
ATOM 899 H HA   . LEU A 1 53 ? 16.654  -19.633 19.647  1.00 0.00 ? 53 LEU A HA   1 
ATOM 900 H HB2  . LEU A 1 53 ? 14.967  -17.690 19.366  1.00 0.00 ? 53 LEU A HB2  1 
ATOM 901 H HB3  . LEU A 1 53 ? 14.675  -17.877 21.096  1.00 0.00 ? 53 LEU A HB3  1 
ATOM 902 H HG   . LEU A 1 53 ? 17.178  -17.478 21.454  1.00 0.00 ? 53 LEU A HG   1 
ATOM 903 H HD11 . LEU A 1 53 ? 17.942  -17.936 19.151  1.00 0.00 ? 53 LEU A HD11 1 
ATOM 904 H HD12 . LEU A 1 53 ? 16.957  -16.588 18.537  1.00 0.00 ? 53 LEU A HD12 1 
ATOM 905 H HD13 . LEU A 1 53 ? 18.344  -16.284 19.626  1.00 0.00 ? 53 LEU A HD13 1 
ATOM 906 H HD21 . LEU A 1 53 ? 15.516  -15.292 20.142  1.00 0.00 ? 53 LEU A HD21 1 
ATOM 907 H HD22 . LEU A 1 53 ? 15.468  -15.760 21.855  1.00 0.00 ? 53 LEU A HD22 1 
ATOM 908 H HD23 . LEU A 1 53 ? 16.943  -15.044 21.185  1.00 0.00 ? 53 LEU A HD23 1 
# 
